data_5JVZ
#
_entry.id   5JVZ
#
_cell.length_a   119.923
_cell.length_b   131.594
_cell.length_c   179.981
_cell.angle_alpha   90.00
_cell.angle_beta   90.00
_cell.angle_gamma   90.00
#
_symmetry.space_group_name_H-M   'I 2 2 2'
#
loop_
_entity.id
_entity.type
_entity.pdbx_description
1 polymer 'Prostaglandin G/H synthase 2'
2 branched beta-D-mannopyranose-(1-4)-2-acetamido-2-deoxy-beta-D-glucopyranose-(1-4)-2-acetamido-2-deoxy-beta-D-glucopyranose
3 branched 2-acetamido-2-deoxy-beta-D-glucopyranose-(1-4)-2-acetamido-2-deoxy-beta-D-glucopyranose
4 non-polymer FLURBIPROFEN
5 non-polymer 'octyl beta-D-glucopyranoside'
6 non-polymer 'PROTOPORPHYRIN IX CONTAINING CO'
7 non-polymer 2-acetamido-2-deoxy-beta-D-glucopyranose
8 non-polymer 'ACRYLIC ACID'
9 non-polymer 1,2-ETHANEDIOL
10 water water
#
_entity_poly.entity_id   1
_entity_poly.type   'polypeptide(L)'
_entity_poly.pdbx_seq_one_letter_code
;HHPCCSNPCQNRGECMSTGFDQYKCDCTRTGFYGENCTTPEFLTRIKLLLKPTPNTVHYILTHFKGVWNIVNNIPFLRSL
IMKYVLTSRPYLIDSPPTYNVHYGYKSWEAFSNLSYYTRALPPVADDCPTPMGVKGNKELPDSKEVLEKVLLRREFIPDP
QGSNMMFAFFAQHFTHQFFKTDHKRGPGFTRGLGHGVDLNHIYGETLDRQHKLRLFKDGKLKYQVIGGEVYPPTVKDTQV
EMIYPPHIPENLQFAVGQEVFGLVPGLMMYATIWLREHNRVCDILKQEHPEWGDEQLFQTSRLILIGETIKIVIEDYVQH
LSGYHFKLKFDPELLFNQQFQYQNRIASEFNTLYHWHPLLPDTFNIEDQEYSFKQFLYNNSILLEHGLTQFVESFTRQIA
GRVAGGRNVPIAVQAVAKASIDQSREMKYQSLNEYRKRFSLKPYTSFEELTGEKEMAAELKALYSDIDVMELYPALLVEK
PRPDAIFGETMVELGAPFSLKGLMGNPICSPQYWKPSTFGGEVGFKIINTASIQSLICNNVKGCPFTSFNVQ
;
_entity_poly.pdbx_strand_id   A,B
#
# COMPACT_ATOMS: atom_id res chain seq x y z
N HIS A 1 18.50 -26.89 17.72
CA HIS A 1 17.70 -26.28 16.66
C HIS A 1 16.90 -25.10 17.19
N HIS A 2 16.12 -24.46 16.31
CA HIS A 2 15.34 -23.29 16.69
C HIS A 2 14.30 -23.65 17.75
N PRO A 3 14.31 -22.91 18.87
CA PRO A 3 13.43 -23.23 20.01
C PRO A 3 11.95 -22.93 19.77
N CYS A 4 11.59 -22.51 18.57
CA CYS A 4 10.19 -22.23 18.24
C CYS A 4 9.65 -23.23 17.23
N CYS A 5 10.42 -24.27 16.95
CA CYS A 5 10.03 -25.27 15.96
C CYS A 5 8.74 -25.98 16.33
N SER A 6 8.50 -26.14 17.64
CA SER A 6 7.32 -26.84 18.11
C SER A 6 6.08 -25.96 18.06
N ASN A 7 6.28 -24.68 17.74
CA ASN A 7 5.19 -23.68 17.72
C ASN A 7 4.43 -23.62 19.04
N PRO A 8 5.12 -23.23 20.12
CA PRO A 8 4.52 -23.28 21.47
C PRO A 8 3.53 -22.14 21.72
N CYS A 9 3.60 -21.08 20.94
CA CYS A 9 2.76 -19.90 21.17
C CYS A 9 1.40 -20.04 20.52
N GLN A 10 0.35 -19.90 21.33
CA GLN A 10 -1.02 -20.08 20.87
C GLN A 10 -1.75 -18.76 20.75
N ASN A 11 -2.92 -18.80 20.12
CA ASN A 11 -3.82 -17.66 20.03
C ASN A 11 -3.18 -16.40 19.45
N ARG A 12 -2.60 -16.54 18.25
CA ARG A 12 -1.96 -15.44 17.54
C ARG A 12 -0.78 -14.83 18.30
N GLY A 13 -0.27 -15.56 19.29
CA GLY A 13 0.91 -15.13 20.00
C GLY A 13 2.13 -15.29 19.11
N GLU A 14 3.13 -14.44 19.30
CA GLU A 14 4.31 -14.47 18.45
C GLU A 14 5.51 -15.06 19.17
N CYS A 15 6.18 -16.00 18.51
CA CYS A 15 7.30 -16.71 19.11
C CYS A 15 8.63 -16.05 18.78
N MET A 16 9.55 -16.07 19.74
CA MET A 16 10.87 -15.49 19.56
C MET A 16 11.90 -16.28 20.36
N SER A 17 13.03 -16.59 19.74
CA SER A 17 14.12 -17.25 20.45
C SER A 17 14.82 -16.25 21.36
N THR A 18 15.15 -16.66 22.58
CA THR A 18 15.86 -15.81 23.52
C THR A 18 17.24 -16.37 23.82
N GLY A 19 17.44 -17.62 23.44
CA GLY A 19 18.73 -18.26 23.56
C GLY A 19 18.83 -19.34 22.52
N PHE A 20 19.76 -20.28 22.71
CA PHE A 20 19.89 -21.39 21.78
C PHE A 20 18.80 -22.43 22.02
N ASP A 21 18.30 -22.48 23.25
CA ASP A 21 17.30 -23.48 23.62
C ASP A 21 16.18 -22.88 24.46
N GLN A 22 15.92 -21.59 24.28
CA GLN A 22 14.85 -20.92 25.00
C GLN A 22 14.01 -20.03 24.08
N TYR A 23 12.71 -19.96 24.34
CA TYR A 23 11.84 -19.10 23.56
C TYR A 23 11.03 -18.17 24.45
N LYS A 24 10.43 -17.18 23.82
CA LYS A 24 9.54 -16.24 24.50
C LYS A 24 8.31 -16.00 23.62
N CYS A 25 7.13 -15.94 24.24
CA CYS A 25 5.91 -15.66 23.50
C CYS A 25 5.44 -14.23 23.73
N ASP A 26 5.11 -13.54 22.65
CA ASP A 26 4.56 -12.20 22.75
C ASP A 26 3.04 -12.27 22.71
N CYS A 27 2.42 -12.02 23.86
CA CYS A 27 0.98 -12.17 23.99
C CYS A 27 0.26 -10.83 23.87
N THR A 28 0.89 -9.88 23.18
CA THR A 28 0.33 -8.55 23.01
C THR A 28 -0.98 -8.57 22.23
N ARG A 29 -2.05 -8.13 22.89
CA ARG A 29 -3.38 -7.99 22.30
C ARG A 29 -3.95 -9.30 21.75
N THR A 30 -3.51 -10.42 22.31
CA THR A 30 -4.05 -11.72 21.90
C THR A 30 -5.29 -12.07 22.71
N GLY A 31 -5.47 -11.39 23.84
CA GLY A 31 -6.57 -11.68 24.74
C GLY A 31 -6.17 -12.74 25.74
N PHE A 32 -4.94 -13.25 25.59
CA PHE A 32 -4.42 -14.30 26.45
C PHE A 32 -3.11 -13.87 27.11
N TYR A 33 -2.64 -14.67 28.05
CA TYR A 33 -1.33 -14.48 28.64
C TYR A 33 -0.77 -15.81 29.13
N GLY A 34 0.35 -15.75 29.84
CA GLY A 34 1.04 -16.97 30.26
C GLY A 34 2.19 -17.27 29.32
N GLU A 35 2.99 -18.27 29.67
CA GLU A 35 4.18 -18.60 28.90
C GLU A 35 3.88 -18.89 27.44
N ASN A 36 2.77 -19.56 27.19
CA ASN A 36 2.40 -19.96 25.83
C ASN A 36 1.15 -19.25 25.31
N CYS A 37 0.78 -18.15 25.97
CA CYS A 37 -0.41 -17.38 25.62
C CYS A 37 -1.67 -18.25 25.63
N THR A 38 -1.83 -19.06 26.67
CA THR A 38 -2.94 -20.00 26.72
C THR A 38 -3.95 -19.67 27.81
N THR A 39 -3.52 -18.94 28.83
CA THR A 39 -4.43 -18.52 29.89
C THR A 39 -5.28 -17.35 29.42
N PRO A 40 -6.60 -17.56 29.35
CA PRO A 40 -7.52 -16.52 28.84
C PRO A 40 -7.85 -15.46 29.88
N GLU A 41 -7.87 -14.20 29.44
CA GLU A 41 -8.35 -13.11 30.29
C GLU A 41 -9.84 -13.28 30.48
N PHE A 42 -10.39 -12.63 31.51
CA PHE A 42 -11.78 -12.82 31.89
C PHE A 42 -12.74 -12.53 30.73
N LEU A 43 -12.53 -11.41 30.07
CA LEU A 43 -13.35 -11.04 28.91
C LEU A 43 -13.24 -12.08 27.81
N THR A 44 -12.02 -12.50 27.53
CA THR A 44 -11.76 -13.52 26.51
C THR A 44 -12.47 -14.82 26.85
N ARG A 45 -12.43 -15.20 28.12
CA ARG A 45 -13.04 -16.43 28.58
C ARG A 45 -14.55 -16.44 28.31
N ILE A 46 -15.17 -15.27 28.43
CA ILE A 46 -16.60 -15.13 28.17
C ILE A 46 -16.89 -15.21 26.68
N LYS A 47 -16.07 -14.52 25.88
CA LYS A 47 -16.23 -14.51 24.43
C LYS A 47 -16.17 -15.91 23.84
N LEU A 48 -15.25 -16.72 24.34
CA LEU A 48 -15.07 -18.08 23.85
C LEU A 48 -16.32 -18.93 24.08
N LEU A 49 -16.92 -18.79 25.26
CA LEU A 49 -18.12 -19.54 25.61
C LEU A 49 -19.30 -19.14 24.72
N LEU A 50 -19.45 -17.84 24.49
CA LEU A 50 -20.60 -17.31 23.77
C LEU A 50 -20.44 -17.40 22.27
N LYS A 51 -19.25 -17.73 21.81
CA LYS A 51 -18.98 -17.81 20.37
C LYS A 51 -19.47 -19.11 19.76
N PRO A 52 -20.35 -19.01 18.75
CA PRO A 52 -20.85 -20.19 18.04
C PRO A 52 -19.83 -20.71 17.02
N THR A 53 -19.76 -22.03 16.87
CA THR A 53 -18.84 -22.64 15.92
C THR A 53 -19.21 -22.26 14.49
N PRO A 54 -18.22 -22.24 13.58
CA PRO A 54 -18.48 -21.92 12.17
C PRO A 54 -19.52 -22.83 11.54
N ASN A 55 -19.57 -24.09 11.97
CA ASN A 55 -20.57 -25.03 11.46
C ASN A 55 -21.97 -24.66 11.94
N THR A 56 -22.06 -24.14 13.15
CA THR A 56 -23.34 -23.69 13.69
C THR A 56 -23.85 -22.50 12.89
N VAL A 57 -22.95 -21.55 12.63
CA VAL A 57 -23.29 -20.36 11.85
C VAL A 57 -23.65 -20.74 10.42
N HIS A 58 -22.96 -21.75 9.89
CA HIS A 58 -23.23 -22.23 8.53
C HIS A 58 -24.61 -22.85 8.42
N TYR A 59 -25.02 -23.55 9.47
CA TYR A 59 -26.35 -24.16 9.51
C TYR A 59 -27.44 -23.09 9.40
N ILE A 60 -27.31 -22.06 10.24
CA ILE A 60 -28.27 -20.96 10.24
C ILE A 60 -28.34 -20.26 8.89
N LEU A 61 -27.18 -20.03 8.28
CA LEU A 61 -27.10 -19.32 7.01
C LEU A 61 -27.64 -20.15 5.85
N THR A 62 -27.63 -21.48 6.00
CA THR A 62 -28.11 -22.37 4.95
C THR A 62 -29.43 -23.02 5.31
N HIS A 63 -30.14 -22.44 6.27
CA HIS A 63 -31.47 -22.91 6.65
C HIS A 63 -32.39 -21.72 6.94
N PHE A 64 -33.65 -22.03 7.25
CA PHE A 64 -34.67 -21.02 7.55
C PHE A 64 -34.82 -20.01 6.42
N LYS A 65 -35.06 -20.53 5.21
CA LYS A 65 -35.17 -19.70 4.02
C LYS A 65 -36.28 -18.66 4.15
N GLY A 66 -37.35 -19.03 4.83
CA GLY A 66 -38.47 -18.13 5.04
C GLY A 66 -38.08 -16.90 5.82
N VAL A 67 -37.14 -17.08 6.76
CA VAL A 67 -36.68 -15.98 7.59
C VAL A 67 -35.70 -15.08 6.82
N TRP A 68 -34.83 -15.71 6.04
CA TRP A 68 -33.87 -14.95 5.24
C TRP A 68 -34.57 -14.18 4.13
N ASN A 69 -35.64 -14.77 3.59
CA ASN A 69 -36.47 -14.10 2.59
C ASN A 69 -36.99 -12.77 3.11
N ILE A 70 -37.31 -12.73 4.40
CA ILE A 70 -37.73 -11.50 5.04
C ILE A 70 -36.54 -10.58 5.23
N VAL A 71 -35.44 -11.14 5.75
CA VAL A 71 -34.23 -10.38 6.02
C VAL A 71 -33.68 -9.72 4.76
N ASN A 72 -33.66 -10.46 3.66
CA ASN A 72 -33.13 -9.95 2.40
C ASN A 72 -33.94 -8.80 1.83
N ASN A 73 -35.18 -8.65 2.29
CA ASN A 73 -36.04 -7.58 1.79
C ASN A 73 -36.19 -6.43 2.78
N ILE A 74 -35.47 -6.52 3.90
CA ILE A 74 -35.38 -5.41 4.84
C ILE A 74 -33.98 -4.80 4.77
N PRO A 75 -33.82 -3.76 3.95
CA PRO A 75 -32.53 -3.14 3.61
C PRO A 75 -31.66 -2.83 4.83
N PHE A 76 -32.28 -2.46 5.93
CA PHE A 76 -31.54 -2.16 7.16
C PHE A 76 -30.93 -3.43 7.74
N LEU A 77 -31.70 -4.51 7.73
CA LEU A 77 -31.23 -5.80 8.24
C LEU A 77 -30.14 -6.37 7.34
N ARG A 78 -30.44 -6.44 6.04
CA ARG A 78 -29.52 -6.97 5.05
C ARG A 78 -28.16 -6.29 5.15
N SER A 79 -28.18 -4.97 5.22
CA SER A 79 -26.96 -4.19 5.35
C SER A 79 -26.25 -4.49 6.67
N LEU A 80 -27.02 -4.57 7.75
CA LEU A 80 -26.47 -4.84 9.07
C LEU A 80 -25.78 -6.21 9.08
N ILE A 81 -26.43 -7.21 8.49
CA ILE A 81 -25.87 -8.54 8.40
C ILE A 81 -24.62 -8.52 7.53
N MET A 82 -24.69 -7.82 6.39
CA MET A 82 -23.56 -7.74 5.49
C MET A 82 -22.42 -6.92 6.11
N LYS A 83 -22.77 -5.95 6.94
CA LYS A 83 -21.77 -5.14 7.60
C LYS A 83 -20.94 -5.97 8.57
N TYR A 84 -21.59 -6.94 9.21
CA TYR A 84 -20.89 -7.83 10.14
C TYR A 84 -19.92 -8.73 9.41
N VAL A 85 -20.36 -9.29 8.28
CA VAL A 85 -19.54 -10.15 7.46
C VAL A 85 -18.26 -9.44 7.03
N LEU A 86 -18.42 -8.23 6.50
CA LEU A 86 -17.30 -7.46 5.98
C LEU A 86 -16.34 -6.97 7.06
N THR A 87 -16.73 -7.09 8.32
CA THR A 87 -15.88 -6.64 9.41
C THR A 87 -15.25 -7.81 10.17
N SER A 88 -15.99 -8.89 10.31
CA SER A 88 -15.50 -10.05 11.06
C SER A 88 -14.48 -10.87 10.27
N ARG A 89 -14.72 -11.00 8.97
CA ARG A 89 -13.88 -11.86 8.12
C ARG A 89 -12.45 -11.34 7.90
N PRO A 90 -12.28 -10.08 7.45
CA PRO A 90 -10.89 -9.68 7.13
C PRO A 90 -10.04 -9.45 8.38
N TYR A 91 -10.65 -9.52 9.56
CA TYR A 91 -9.96 -9.27 10.81
C TYR A 91 -8.89 -10.31 11.15
N LEU A 92 -8.95 -11.46 10.48
CA LEU A 92 -7.96 -12.52 10.70
C LEU A 92 -6.71 -12.34 9.84
N ILE A 93 -6.73 -11.33 8.97
CA ILE A 93 -5.64 -11.12 8.03
C ILE A 93 -4.72 -9.99 8.46
N ASP A 94 -3.42 -10.26 8.49
CA ASP A 94 -2.43 -9.24 8.79
C ASP A 94 -2.40 -8.17 7.72
N SER A 95 -2.78 -6.95 8.09
CA SER A 95 -2.78 -5.83 7.17
C SER A 95 -2.42 -4.54 7.89
N PRO A 96 -1.22 -3.99 7.62
CA PRO A 96 -0.14 -4.36 6.69
C PRO A 96 0.43 -5.77 6.90
N PRO A 97 0.85 -6.42 5.81
CA PRO A 97 1.32 -7.82 5.80
C PRO A 97 2.57 -8.03 6.63
N THR A 98 2.90 -9.29 6.92
CA THR A 98 4.01 -9.60 7.79
C THR A 98 5.04 -10.55 7.17
N TYR A 99 4.78 -11.85 7.29
CA TYR A 99 5.77 -12.86 6.91
C TYR A 99 5.73 -13.24 5.43
N ASN A 100 6.83 -13.78 4.94
CA ASN A 100 6.84 -14.45 3.65
C ASN A 100 7.72 -15.70 3.72
N VAL A 101 7.94 -16.34 2.57
CA VAL A 101 8.64 -17.61 2.52
C VAL A 101 10.06 -17.52 3.09
N HIS A 102 10.64 -16.33 3.08
CA HIS A 102 12.02 -16.15 3.52
C HIS A 102 12.14 -15.55 4.91
N TYR A 103 11.03 -15.02 5.44
CA TYR A 103 11.08 -14.34 6.74
C TYR A 103 9.98 -14.82 7.68
N GLY A 104 10.39 -15.51 8.74
CA GLY A 104 9.47 -15.96 9.76
C GLY A 104 9.44 -14.98 10.92
N TYR A 105 10.13 -13.86 10.73
CA TYR A 105 10.08 -12.73 11.64
C TYR A 105 9.74 -11.52 10.78
N LYS A 106 9.19 -10.48 11.39
CA LYS A 106 8.85 -9.29 10.61
C LYS A 106 10.12 -8.53 10.24
N SER A 107 10.18 -8.07 9.01
CA SER A 107 11.32 -7.30 8.52
C SER A 107 10.85 -6.33 7.45
N TRP A 108 11.65 -5.30 7.17
CA TRP A 108 11.27 -4.32 6.17
C TRP A 108 11.33 -4.92 4.78
N GLU A 109 12.16 -5.94 4.60
CA GLU A 109 12.26 -6.61 3.32
C GLU A 109 10.97 -7.36 2.99
N ALA A 110 10.41 -8.04 3.98
CA ALA A 110 9.17 -8.79 3.79
C ALA A 110 7.99 -7.86 3.54
N PHE A 111 8.00 -6.68 4.15
CA PHE A 111 6.93 -5.72 3.95
C PHE A 111 7.00 -5.00 2.60
N SER A 112 8.21 -4.64 2.17
CA SER A 112 8.37 -3.75 1.04
C SER A 112 8.48 -4.46 -0.31
N ASN A 113 8.96 -5.70 -0.30
CA ASN A 113 9.16 -6.44 -1.54
C ASN A 113 7.86 -7.04 -2.05
N LEU A 114 7.31 -6.45 -3.10
CA LEU A 114 6.02 -6.87 -3.63
C LEU A 114 6.14 -8.12 -4.50
N SER A 115 7.35 -8.61 -4.68
CA SER A 115 7.57 -9.82 -5.49
C SER A 115 7.23 -11.07 -4.70
N TYR A 116 7.16 -10.95 -3.38
CA TYR A 116 6.78 -12.07 -2.53
C TYR A 116 5.27 -12.23 -2.42
N TYR A 117 4.81 -13.48 -2.35
CA TYR A 117 3.54 -13.76 -1.70
C TYR A 117 3.76 -13.53 -0.22
N THR A 118 2.77 -12.99 0.48
CA THR A 118 2.90 -12.86 1.92
C THR A 118 2.46 -14.18 2.57
N ARG A 119 2.59 -14.28 3.88
CA ARG A 119 2.26 -15.53 4.57
C ARG A 119 1.42 -15.30 5.82
N ALA A 120 0.36 -16.08 5.97
CA ALA A 120 -0.51 -16.01 7.13
C ALA A 120 0.17 -16.67 8.33
N LEU A 121 0.89 -17.74 8.05
CA LEU A 121 1.76 -18.37 9.04
C LEU A 121 3.19 -18.37 8.55
N PRO A 122 4.14 -18.06 9.45
CA PRO A 122 5.55 -18.10 9.09
C PRO A 122 5.98 -19.50 8.68
N PRO A 123 7.01 -19.61 7.83
CA PRO A 123 7.51 -20.93 7.42
C PRO A 123 8.20 -21.65 8.57
N VAL A 124 8.22 -22.98 8.52
CA VAL A 124 8.96 -23.77 9.49
C VAL A 124 10.44 -23.46 9.35
N ALA A 125 11.13 -23.28 10.47
CA ALA A 125 12.56 -23.01 10.46
C ALA A 125 13.32 -24.13 9.75
N ASP A 126 14.40 -23.76 9.07
CA ASP A 126 15.15 -24.69 8.25
C ASP A 126 15.79 -25.83 9.05
N ASP A 127 16.19 -25.53 10.27
CA ASP A 127 16.96 -26.50 11.07
C ASP A 127 16.07 -27.36 11.97
N CYS A 128 14.76 -27.34 11.74
CA CYS A 128 13.84 -28.15 12.52
C CYS A 128 14.01 -29.64 12.24
N PRO A 129 13.89 -30.48 13.29
CA PRO A 129 14.09 -31.92 13.19
C PRO A 129 13.11 -32.63 12.25
N THR A 130 11.84 -32.23 12.27
CA THR A 130 10.85 -32.81 11.37
C THR A 130 10.28 -31.73 10.47
N PRO A 131 9.78 -32.13 9.28
CA PRO A 131 9.27 -31.16 8.28
C PRO A 131 8.21 -30.21 8.83
N MET A 132 7.48 -30.64 9.86
CA MET A 132 6.42 -29.81 10.43
C MET A 132 6.82 -29.19 11.76
N GLY A 133 8.08 -29.35 12.15
CA GLY A 133 8.54 -28.79 13.40
C GLY A 133 9.24 -29.83 14.26
N VAL A 134 8.48 -30.48 15.14
CA VAL A 134 9.03 -31.53 15.99
C VAL A 134 8.24 -32.83 15.89
N LYS A 135 6.92 -32.72 15.65
CA LYS A 135 6.05 -33.89 15.58
C LYS A 135 6.20 -34.62 14.25
N GLY A 136 5.73 -35.86 14.22
CA GLY A 136 5.73 -36.64 12.99
C GLY A 136 7.06 -37.30 12.67
N ASN A 137 7.10 -38.01 11.56
CA ASN A 137 8.31 -38.69 11.13
C ASN A 137 9.34 -37.72 10.57
N LYS A 138 10.54 -38.22 10.30
CA LYS A 138 11.63 -37.39 9.79
C LYS A 138 11.32 -36.92 8.37
N GLU A 139 10.46 -37.67 7.68
CA GLU A 139 10.04 -37.30 6.34
C GLU A 139 8.53 -37.35 6.18
N LEU A 140 7.99 -36.39 5.44
CA LEU A 140 6.59 -36.42 5.03
C LEU A 140 6.40 -37.59 4.07
N PRO A 141 5.17 -38.13 4.00
CA PRO A 141 4.91 -39.23 3.07
C PRO A 141 5.15 -38.82 1.62
N ASP A 142 5.48 -39.79 0.77
CA ASP A 142 5.69 -39.54 -0.65
C ASP A 142 4.50 -38.79 -1.25
N SER A 143 4.78 -37.71 -1.96
CA SER A 143 3.72 -36.87 -2.50
C SER A 143 2.84 -37.63 -3.49
N LYS A 144 3.46 -38.51 -4.28
CA LYS A 144 2.74 -39.28 -5.27
C LYS A 144 1.75 -40.25 -4.62
N GLU A 145 2.16 -40.84 -3.50
CA GLU A 145 1.29 -41.76 -2.78
C GLU A 145 0.05 -41.05 -2.26
N VAL A 146 0.27 -39.90 -1.62
CA VAL A 146 -0.82 -39.09 -1.11
C VAL A 146 -1.77 -38.73 -2.25
N LEU A 147 -1.19 -38.35 -3.38
CA LEU A 147 -1.94 -38.00 -4.58
C LEU A 147 -2.81 -39.17 -5.05
N GLU A 148 -2.20 -40.33 -5.23
CA GLU A 148 -2.90 -41.47 -5.82
C GLU A 148 -3.89 -42.14 -4.88
N LYS A 149 -3.56 -42.18 -3.60
CA LYS A 149 -4.40 -42.90 -2.64
C LYS A 149 -5.67 -42.15 -2.23
N VAL A 150 -5.59 -40.83 -2.10
CA VAL A 150 -6.75 -40.07 -1.63
C VAL A 150 -7.12 -38.83 -2.47
N LEU A 151 -6.36 -38.54 -3.52
CA LEU A 151 -6.64 -37.33 -4.30
C LEU A 151 -7.12 -37.61 -5.73
N LEU A 152 -6.47 -38.53 -6.43
CA LEU A 152 -6.80 -38.78 -7.83
C LEU A 152 -8.23 -39.31 -8.00
N ARG A 153 -8.86 -38.89 -9.08
CA ARG A 153 -10.26 -39.24 -9.36
C ARG A 153 -10.40 -40.67 -9.86
N ARG A 154 -11.30 -41.41 -9.22
CA ARG A 154 -11.66 -42.75 -9.68
C ARG A 154 -12.82 -42.63 -10.67
N GLU A 155 -13.94 -42.15 -10.15
CA GLU A 155 -15.11 -41.84 -10.97
C GLU A 155 -15.46 -40.39 -10.73
N PHE A 156 -16.02 -39.71 -11.73
CA PHE A 156 -16.34 -38.30 -11.59
C PHE A 156 -17.40 -38.07 -10.53
N ILE A 157 -17.11 -37.16 -9.59
CA ILE A 157 -18.05 -36.80 -8.54
C ILE A 157 -18.57 -35.39 -8.76
N PRO A 158 -19.84 -35.27 -9.16
CA PRO A 158 -20.45 -33.95 -9.41
C PRO A 158 -20.59 -33.13 -8.14
N ASP A 159 -20.49 -31.81 -8.26
CA ASP A 159 -20.72 -30.93 -7.13
C ASP A 159 -22.20 -30.92 -6.77
N PRO A 160 -22.53 -31.35 -5.55
CA PRO A 160 -23.92 -31.41 -5.11
C PRO A 160 -24.54 -30.02 -4.96
N GLN A 161 -23.69 -29.00 -4.93
CA GLN A 161 -24.14 -27.62 -4.79
C GLN A 161 -24.52 -27.03 -6.15
N GLY A 162 -24.22 -27.77 -7.21
CA GLY A 162 -24.69 -27.45 -8.54
C GLY A 162 -23.83 -26.48 -9.35
N SER A 163 -22.58 -26.31 -8.95
CA SER A 163 -21.68 -25.43 -9.70
C SER A 163 -21.47 -25.95 -11.13
N ASN A 164 -21.49 -25.05 -12.10
CA ASN A 164 -21.27 -25.44 -13.48
C ASN A 164 -19.91 -24.98 -14.01
N MET A 165 -19.73 -25.11 -15.32
CA MET A 165 -18.47 -24.75 -15.96
C MET A 165 -18.28 -23.24 -16.06
N MET A 166 -19.39 -22.49 -16.10
CA MET A 166 -19.30 -21.03 -16.08
C MET A 166 -18.64 -20.58 -14.78
N PHE A 167 -18.99 -21.25 -13.69
CA PHE A 167 -18.41 -20.96 -12.38
C PHE A 167 -16.93 -21.31 -12.34
N ALA A 168 -16.60 -22.50 -12.81
CA ALA A 168 -15.22 -23.00 -12.74
C ALA A 168 -14.27 -22.16 -13.58
N PHE A 169 -14.73 -21.76 -14.77
CA PHE A 169 -13.88 -20.96 -15.65
C PHE A 169 -13.81 -19.51 -15.19
N PHE A 170 -14.86 -19.04 -14.52
CA PHE A 170 -14.82 -17.72 -13.93
C PHE A 170 -13.79 -17.70 -12.79
N ALA A 171 -13.80 -18.77 -12.00
CA ALA A 171 -12.87 -18.89 -10.88
C ALA A 171 -11.43 -18.84 -11.35
N GLN A 172 -11.14 -19.59 -12.42
CA GLN A 172 -9.79 -19.65 -12.94
C GLN A 172 -9.37 -18.35 -13.61
N HIS A 173 -10.28 -17.75 -14.38
CA HIS A 173 -10.01 -16.51 -15.07
C HIS A 173 -9.80 -15.36 -14.09
N PHE A 174 -10.72 -15.24 -13.13
CA PHE A 174 -10.69 -14.15 -12.16
C PHE A 174 -9.50 -14.22 -11.22
N THR A 175 -9.22 -15.40 -10.68
CA THR A 175 -8.17 -15.52 -9.68
C THR A 175 -6.76 -15.52 -10.26
N HIS A 176 -6.66 -15.65 -11.58
CA HIS A 176 -5.34 -15.64 -12.21
C HIS A 176 -4.89 -14.23 -12.59
N GLN A 177 -5.44 -13.24 -11.92
CA GLN A 177 -4.94 -11.88 -12.02
C GLN A 177 -4.08 -11.57 -10.80
N PHE A 178 -4.33 -12.30 -9.71
CA PHE A 178 -3.52 -12.13 -8.50
C PHE A 178 -2.83 -13.43 -8.08
N PHE A 179 -3.08 -14.51 -8.81
CA PHE A 179 -2.30 -15.72 -8.65
C PHE A 179 -1.44 -15.91 -9.89
N LYS A 180 -0.32 -15.19 -9.93
CA LYS A 180 0.59 -15.28 -11.06
C LYS A 180 1.99 -15.64 -10.56
N THR A 181 2.15 -16.91 -10.19
CA THR A 181 3.40 -17.40 -9.62
C THR A 181 4.58 -17.19 -10.55
N ASP A 182 5.65 -16.61 -10.02
CA ASP A 182 6.86 -16.36 -10.79
C ASP A 182 7.83 -17.53 -10.62
N HIS A 183 7.64 -18.57 -11.43
CA HIS A 183 8.41 -19.81 -11.30
C HIS A 183 9.91 -19.62 -11.57
N LYS A 184 10.29 -18.47 -12.10
CA LYS A 184 11.69 -18.15 -12.32
C LYS A 184 12.40 -17.81 -11.01
N ARG A 185 11.62 -17.54 -9.97
CA ARG A 185 12.18 -17.23 -8.65
C ARG A 185 11.83 -18.30 -7.63
N GLY A 186 10.64 -18.88 -7.78
CA GLY A 186 10.14 -19.85 -6.83
C GLY A 186 8.65 -19.68 -6.60
N PRO A 187 8.01 -20.68 -5.97
CA PRO A 187 6.57 -20.67 -5.73
C PRO A 187 6.14 -19.63 -4.71
N GLY A 188 7.09 -19.10 -3.94
CA GLY A 188 6.79 -18.08 -2.96
C GLY A 188 6.81 -16.67 -3.55
N PHE A 189 6.96 -16.59 -4.87
CA PHE A 189 7.04 -15.30 -5.55
C PHE A 189 5.91 -15.13 -6.55
N THR A 190 5.55 -13.88 -6.82
CA THR A 190 4.45 -13.57 -7.74
C THR A 190 4.83 -12.50 -8.76
N ARG A 191 4.14 -12.52 -9.90
CA ARG A 191 4.34 -11.51 -10.93
C ARG A 191 3.25 -10.45 -10.87
N GLY A 192 2.24 -10.69 -10.03
CA GLY A 192 1.14 -9.76 -9.87
C GLY A 192 1.38 -8.77 -8.75
N LEU A 193 2.18 -7.74 -9.04
CA LEU A 193 2.61 -6.79 -8.01
C LEU A 193 1.49 -5.89 -7.52
N GLY A 194 0.33 -5.96 -8.17
CA GLY A 194 -0.82 -5.20 -7.75
C GLY A 194 -1.53 -5.86 -6.57
N HIS A 195 -1.30 -7.15 -6.39
CA HIS A 195 -1.82 -7.92 -5.26
C HIS A 195 -3.31 -7.74 -5.02
N GLY A 196 -4.10 -7.80 -6.09
CA GLY A 196 -5.53 -7.70 -5.97
C GLY A 196 -6.25 -7.57 -7.29
N VAL A 197 -7.48 -7.08 -7.25
CA VAL A 197 -8.30 -6.94 -8.45
C VAL A 197 -7.96 -5.66 -9.19
N ASP A 198 -6.96 -5.72 -10.06
CA ASP A 198 -6.60 -4.57 -10.89
C ASP A 198 -6.89 -4.83 -12.36
N LEU A 199 -7.34 -6.05 -12.65
CA LEU A 199 -7.68 -6.48 -14.01
C LEU A 199 -6.49 -6.48 -14.95
N ASN A 200 -5.31 -6.81 -14.42
CA ASN A 200 -4.11 -6.93 -15.24
C ASN A 200 -4.19 -8.12 -16.18
N HIS A 201 -5.11 -9.04 -15.91
CA HIS A 201 -5.32 -10.17 -16.81
C HIS A 201 -6.14 -9.75 -18.02
N ILE A 202 -6.58 -8.50 -18.02
CA ILE A 202 -7.27 -7.92 -19.15
C ILE A 202 -6.41 -6.84 -19.80
N TYR A 203 -5.80 -5.99 -18.98
CA TYR A 203 -5.11 -4.81 -19.47
C TYR A 203 -3.59 -4.97 -19.53
N GLY A 204 -3.07 -6.00 -18.88
CA GLY A 204 -1.64 -6.23 -18.87
C GLY A 204 -0.99 -5.75 -17.59
N GLU A 205 0.04 -6.45 -17.15
CA GLU A 205 0.73 -6.13 -15.91
C GLU A 205 1.52 -4.83 -16.02
N THR A 206 2.21 -4.64 -17.14
CA THR A 206 3.03 -3.46 -17.32
C THR A 206 2.40 -2.47 -18.28
N LEU A 207 2.83 -1.22 -18.19
CA LEU A 207 2.36 -0.16 -19.07
C LEU A 207 2.72 -0.46 -20.52
N ASP A 208 3.89 -1.05 -20.72
CA ASP A 208 4.37 -1.43 -22.03
C ASP A 208 3.44 -2.43 -22.71
N ARG A 209 2.98 -3.41 -21.94
CA ARG A 209 2.07 -4.43 -22.45
C ARG A 209 0.68 -3.84 -22.68
N GLN A 210 0.27 -2.95 -21.79
CA GLN A 210 -1.02 -2.28 -21.91
C GLN A 210 -1.14 -1.49 -23.19
N HIS A 211 -0.10 -0.76 -23.54
CA HIS A 211 -0.11 0.12 -24.70
C HIS A 211 -0.10 -0.65 -26.03
N LYS A 212 0.28 -1.91 -25.98
CA LYS A 212 0.26 -2.75 -27.17
C LYS A 212 -1.12 -3.35 -27.37
N LEU A 213 -1.89 -3.43 -26.28
CA LEU A 213 -3.23 -3.97 -26.32
C LEU A 213 -4.29 -2.90 -26.59
N ARG A 214 -3.90 -1.64 -26.43
CA ARG A 214 -4.83 -0.53 -26.59
C ARG A 214 -4.93 -0.03 -28.02
N LEU A 215 -6.12 0.44 -28.39
CA LEU A 215 -6.37 0.98 -29.72
C LEU A 215 -5.95 2.45 -29.82
N PHE A 216 -5.93 3.11 -28.67
CA PHE A 216 -5.64 4.54 -28.56
C PHE A 216 -6.63 5.37 -29.39
N LYS A 217 -7.86 4.88 -29.44
CA LYS A 217 -8.97 5.61 -30.02
C LYS A 217 -10.22 5.28 -29.21
N ASP A 218 -10.91 6.32 -28.75
CA ASP A 218 -12.13 6.18 -27.96
C ASP A 218 -11.92 5.39 -26.67
N GLY A 219 -10.66 5.23 -26.26
CA GLY A 219 -10.32 4.54 -25.03
C GLY A 219 -10.35 3.03 -25.14
N LYS A 220 -10.51 2.52 -26.35
CA LYS A 220 -10.78 1.11 -26.56
C LYS A 220 -9.53 0.23 -26.61
N LEU A 221 -9.76 -1.08 -26.49
CA LEU A 221 -8.71 -2.07 -26.66
C LEU A 221 -8.72 -2.56 -28.11
N LYS A 222 -7.55 -2.96 -28.61
CA LYS A 222 -7.46 -3.50 -29.95
C LYS A 222 -8.23 -4.80 -30.03
N TYR A 223 -8.71 -5.13 -31.22
CA TYR A 223 -9.49 -6.34 -31.43
C TYR A 223 -9.47 -6.72 -32.89
N GLN A 224 -9.99 -7.91 -33.19
CA GLN A 224 -10.17 -8.31 -34.57
C GLN A 224 -11.59 -8.82 -34.75
N VAL A 225 -12.06 -8.80 -35.99
CA VAL A 225 -13.39 -9.29 -36.28
C VAL A 225 -13.30 -10.50 -37.22
N ILE A 226 -13.73 -11.65 -36.72
CA ILE A 226 -13.68 -12.89 -37.49
C ILE A 226 -15.07 -13.46 -37.65
N GLY A 227 -15.58 -13.43 -38.89
CA GLY A 227 -16.92 -13.94 -39.18
C GLY A 227 -17.99 -13.08 -38.55
N GLY A 228 -17.67 -11.81 -38.32
CA GLY A 228 -18.63 -10.87 -37.75
C GLY A 228 -18.52 -10.76 -36.25
N GLU A 229 -17.81 -11.70 -35.63
CA GLU A 229 -17.65 -11.70 -34.18
C GLU A 229 -16.37 -11.03 -33.73
N VAL A 230 -16.44 -10.27 -32.65
CA VAL A 230 -15.29 -9.55 -32.11
C VAL A 230 -14.45 -10.45 -31.20
N TYR A 231 -13.18 -10.56 -31.52
CA TYR A 231 -12.24 -11.35 -30.73
C TYR A 231 -11.00 -10.52 -30.40
N PRO A 232 -10.20 -10.96 -29.41
CA PRO A 232 -8.93 -10.30 -29.11
C PRO A 232 -7.99 -10.30 -30.32
N PRO A 233 -7.07 -9.32 -30.38
CA PRO A 233 -6.14 -9.23 -31.51
C PRO A 233 -5.11 -10.35 -31.48
N THR A 234 -4.28 -10.45 -32.51
CA THR A 234 -3.28 -11.52 -32.56
C THR A 234 -1.97 -11.08 -31.93
N VAL A 235 -1.09 -12.05 -31.69
CA VAL A 235 0.24 -11.78 -31.18
C VAL A 235 1.03 -10.98 -32.22
N LYS A 236 0.87 -11.36 -33.48
CA LYS A 236 1.57 -10.70 -34.57
C LYS A 236 1.20 -9.23 -34.68
N ASP A 237 -0.08 -8.94 -34.52
CA ASP A 237 -0.60 -7.58 -34.67
C ASP A 237 -0.16 -6.64 -33.56
N THR A 238 -0.08 -7.16 -32.34
CA THR A 238 0.19 -6.33 -31.18
C THR A 238 1.61 -6.49 -30.64
N GLN A 239 2.30 -7.55 -31.07
CA GLN A 239 3.60 -7.92 -30.51
C GLN A 239 3.48 -8.12 -28.99
N VAL A 240 2.38 -8.73 -28.57
CA VAL A 240 2.18 -9.08 -27.18
C VAL A 240 2.56 -10.54 -26.95
N GLU A 241 3.50 -10.77 -26.03
CA GLU A 241 3.97 -12.11 -25.73
C GLU A 241 2.88 -12.95 -25.07
N MET A 242 2.62 -14.12 -25.64
CA MET A 242 1.65 -15.07 -25.09
C MET A 242 2.25 -16.47 -25.09
N ILE A 243 1.75 -17.34 -24.22
CA ILE A 243 2.22 -18.72 -24.17
C ILE A 243 1.45 -19.58 -25.18
N TYR A 244 2.07 -19.86 -26.31
CA TYR A 244 1.47 -20.69 -27.34
C TYR A 244 2.48 -21.67 -27.92
N PRO A 245 2.03 -22.90 -28.23
CA PRO A 245 2.86 -23.85 -28.98
C PRO A 245 3.14 -23.31 -30.38
N PRO A 246 4.30 -23.66 -30.95
CA PRO A 246 4.73 -23.13 -32.25
C PRO A 246 3.79 -23.48 -33.40
N HIS A 247 3.02 -24.55 -33.25
CA HIS A 247 2.17 -25.05 -34.33
C HIS A 247 0.80 -24.39 -34.37
N ILE A 248 0.55 -23.44 -33.47
CA ILE A 248 -0.72 -22.73 -33.44
C ILE A 248 -0.77 -21.67 -34.54
N PRO A 249 -1.81 -21.71 -35.39
CA PRO A 249 -2.03 -20.74 -36.46
C PRO A 249 -1.94 -19.30 -35.98
N GLU A 250 -1.41 -18.41 -36.81
CA GLU A 250 -1.20 -17.01 -36.44
C GLU A 250 -2.49 -16.34 -35.97
N ASN A 251 -3.57 -16.58 -36.70
CA ASN A 251 -4.84 -15.93 -36.43
C ASN A 251 -5.48 -16.41 -35.13
N LEU A 252 -5.05 -17.57 -34.65
CA LEU A 252 -5.60 -18.17 -33.45
C LEU A 252 -4.73 -17.87 -32.22
N GLN A 253 -3.68 -17.10 -32.41
CA GLN A 253 -2.85 -16.68 -31.29
C GLN A 253 -3.37 -15.38 -30.72
N PHE A 254 -4.44 -15.48 -29.93
CA PHE A 254 -5.08 -14.31 -29.35
C PHE A 254 -4.22 -13.70 -28.26
N ALA A 255 -4.09 -12.37 -28.28
CA ALA A 255 -3.29 -11.66 -27.29
C ALA A 255 -4.18 -10.92 -26.29
N VAL A 256 -4.04 -11.26 -25.02
CA VAL A 256 -4.80 -10.62 -23.96
C VAL A 256 -3.87 -10.18 -22.84
N GLY A 257 -4.44 -9.69 -21.74
CA GLY A 257 -3.65 -9.18 -20.63
C GLY A 257 -2.80 -10.22 -19.92
N GLN A 258 -3.30 -11.46 -19.87
CA GLN A 258 -2.61 -12.54 -19.19
C GLN A 258 -2.00 -13.53 -20.20
N GLU A 259 -0.70 -13.78 -20.07
CA GLU A 259 0.05 -14.58 -21.03
C GLU A 259 -0.45 -16.02 -21.18
N VAL A 260 -1.09 -16.55 -20.15
CA VAL A 260 -1.42 -17.97 -20.13
C VAL A 260 -2.88 -18.26 -20.48
N PHE A 261 -3.65 -17.23 -20.83
CA PHE A 261 -5.07 -17.42 -21.08
C PHE A 261 -5.37 -18.07 -22.43
N GLY A 262 -4.34 -18.28 -23.23
CA GLY A 262 -4.51 -18.98 -24.48
C GLY A 262 -4.48 -20.49 -24.27
N LEU A 263 -4.13 -20.88 -23.05
CA LEU A 263 -4.00 -22.29 -22.68
C LEU A 263 -5.31 -23.05 -22.83
N VAL A 264 -6.41 -22.40 -22.48
CA VAL A 264 -7.72 -23.06 -22.51
C VAL A 264 -8.82 -22.10 -22.97
N PRO A 265 -9.64 -22.55 -23.94
CA PRO A 265 -10.72 -21.78 -24.57
C PRO A 265 -11.77 -21.25 -23.60
N GLY A 266 -11.83 -21.83 -22.40
CA GLY A 266 -12.73 -21.34 -21.37
C GLY A 266 -12.26 -20.00 -20.85
N LEU A 267 -10.94 -19.84 -20.78
CA LEU A 267 -10.35 -18.59 -20.33
C LEU A 267 -10.44 -17.52 -21.42
N MET A 268 -10.29 -17.94 -22.67
CA MET A 268 -10.40 -17.02 -23.79
C MET A 268 -11.84 -16.55 -23.99
N MET A 269 -12.79 -17.36 -23.53
CA MET A 269 -14.19 -16.98 -23.56
C MET A 269 -14.43 -15.74 -22.71
N TYR A 270 -13.96 -15.79 -21.46
CA TYR A 270 -14.13 -14.67 -20.55
C TYR A 270 -13.28 -13.48 -20.96
N ALA A 271 -12.10 -13.74 -21.53
CA ALA A 271 -11.23 -12.67 -22.01
C ALA A 271 -11.91 -11.92 -23.14
N THR A 272 -12.58 -12.65 -24.02
CA THR A 272 -13.33 -12.06 -25.12
C THR A 272 -14.53 -11.28 -24.59
N ILE A 273 -15.20 -11.85 -23.59
CA ILE A 273 -16.36 -11.20 -22.98
C ILE A 273 -15.98 -9.89 -22.31
N TRP A 274 -14.87 -9.90 -21.58
CA TRP A 274 -14.41 -8.70 -20.88
C TRP A 274 -13.80 -7.68 -21.82
N LEU A 275 -13.27 -8.14 -22.95
CA LEU A 275 -12.73 -7.23 -23.96
C LEU A 275 -13.88 -6.43 -24.58
N ARG A 276 -14.96 -7.14 -24.92
CA ARG A 276 -16.14 -6.51 -25.49
C ARG A 276 -16.79 -5.56 -24.49
N GLU A 277 -16.81 -5.96 -23.23
CA GLU A 277 -17.42 -5.16 -22.17
C GLU A 277 -16.69 -3.84 -21.98
N HIS A 278 -15.36 -3.87 -22.11
CA HIS A 278 -14.57 -2.65 -21.98
C HIS A 278 -14.87 -1.68 -23.10
N ASN A 279 -14.95 -2.20 -24.33
CA ASN A 279 -15.22 -1.35 -25.48
C ASN A 279 -16.68 -0.91 -25.49
N ARG A 280 -17.53 -1.67 -24.82
CA ARG A 280 -18.93 -1.30 -24.68
C ARG A 280 -19.06 -0.11 -23.76
N VAL A 281 -18.35 -0.17 -22.63
CA VAL A 281 -18.33 0.91 -21.66
C VAL A 281 -17.71 2.17 -22.26
N CYS A 282 -16.73 1.98 -23.13
CA CYS A 282 -16.14 3.09 -23.87
C CYS A 282 -17.18 3.82 -24.71
N ASP A 283 -18.01 3.06 -25.42
CA ASP A 283 -19.07 3.62 -26.24
C ASP A 283 -20.03 4.45 -25.41
N ILE A 284 -20.38 3.94 -24.23
CA ILE A 284 -21.30 4.62 -23.33
C ILE A 284 -20.68 5.93 -22.81
N LEU A 285 -19.41 5.87 -22.45
CA LEU A 285 -18.72 7.04 -21.92
C LEU A 285 -18.48 8.11 -22.99
N LYS A 286 -18.22 7.68 -24.21
CA LYS A 286 -18.00 8.60 -25.32
C LYS A 286 -19.27 9.37 -25.63
N GLN A 287 -20.40 8.74 -25.33
CA GLN A 287 -21.71 9.37 -25.52
C GLN A 287 -21.97 10.41 -24.43
N GLU A 288 -21.67 10.04 -23.19
CA GLU A 288 -21.82 10.95 -22.06
C GLU A 288 -20.80 12.07 -22.13
N HIS A 289 -19.58 11.74 -22.53
CA HIS A 289 -18.50 12.71 -22.57
C HIS A 289 -17.86 12.79 -23.95
N PRO A 290 -18.50 13.50 -24.88
CA PRO A 290 -17.92 13.71 -26.21
C PRO A 290 -16.62 14.54 -26.15
N GLU A 291 -16.44 15.26 -25.06
CA GLU A 291 -15.28 16.13 -24.88
C GLU A 291 -14.06 15.37 -24.36
N TRP A 292 -14.28 14.18 -23.81
CA TRP A 292 -13.19 13.40 -23.23
C TRP A 292 -12.25 12.84 -24.29
N GLY A 293 -10.99 12.68 -23.91
CA GLY A 293 -9.99 12.11 -24.79
C GLY A 293 -9.86 10.61 -24.62
N ASP A 294 -9.00 10.00 -25.43
CA ASP A 294 -8.81 8.55 -25.41
C ASP A 294 -8.31 8.04 -24.06
N GLU A 295 -7.38 8.77 -23.46
CA GLU A 295 -6.77 8.32 -22.21
C GLU A 295 -7.78 8.30 -21.06
N GLN A 296 -8.60 9.34 -20.95
CA GLN A 296 -9.58 9.41 -19.88
C GLN A 296 -10.70 8.38 -20.09
N LEU A 297 -11.05 8.15 -21.34
CA LEU A 297 -12.05 7.13 -21.67
C LEU A 297 -11.56 5.74 -21.28
N PHE A 298 -10.28 5.49 -21.52
CA PHE A 298 -9.69 4.20 -21.17
C PHE A 298 -9.63 3.99 -19.66
N GLN A 299 -9.02 4.94 -18.95
CA GLN A 299 -8.82 4.83 -17.51
C GLN A 299 -10.13 4.71 -16.75
N THR A 300 -11.15 5.42 -17.20
CA THR A 300 -12.44 5.42 -16.52
C THR A 300 -13.18 4.11 -16.79
N SER A 301 -13.00 3.56 -17.98
CA SER A 301 -13.59 2.27 -18.31
C SER A 301 -12.99 1.17 -17.46
N ARG A 302 -11.69 1.27 -17.20
CA ARG A 302 -10.99 0.29 -16.37
C ARG A 302 -11.54 0.27 -14.95
N LEU A 303 -11.72 1.46 -14.38
CA LEU A 303 -12.24 1.58 -13.02
C LEU A 303 -13.65 1.01 -12.92
N ILE A 304 -14.43 1.21 -13.98
CA ILE A 304 -15.80 0.69 -14.03
C ILE A 304 -15.80 -0.83 -14.08
N LEU A 305 -14.93 -1.40 -14.90
CA LEU A 305 -14.84 -2.85 -15.03
C LEU A 305 -14.31 -3.48 -13.74
N ILE A 306 -13.43 -2.78 -13.05
CA ILE A 306 -12.98 -3.22 -11.73
C ILE A 306 -14.17 -3.27 -10.77
N GLY A 307 -14.98 -2.23 -10.81
CA GLY A 307 -16.21 -2.17 -10.03
C GLY A 307 -17.16 -3.31 -10.36
N GLU A 308 -17.36 -3.55 -11.65
CA GLU A 308 -18.22 -4.64 -12.10
C GLU A 308 -17.75 -5.98 -11.56
N THR A 309 -16.44 -6.20 -11.64
CA THR A 309 -15.84 -7.47 -11.22
C THR A 309 -16.10 -7.73 -9.74
N ILE A 310 -15.77 -6.76 -8.90
CA ILE A 310 -15.98 -6.89 -7.47
C ILE A 310 -17.47 -7.07 -7.15
N LYS A 311 -18.31 -6.38 -7.91
CA LYS A 311 -19.76 -6.50 -7.77
C LYS A 311 -20.26 -7.91 -8.08
N ILE A 312 -19.80 -8.46 -9.21
CA ILE A 312 -20.21 -9.79 -9.65
C ILE A 312 -19.63 -10.87 -8.75
N VAL A 313 -18.35 -10.75 -8.43
CA VAL A 313 -17.66 -11.72 -7.61
C VAL A 313 -18.34 -11.89 -6.25
N ILE A 314 -18.85 -10.80 -5.70
CA ILE A 314 -19.55 -10.87 -4.42
C ILE A 314 -20.97 -11.42 -4.55
N GLU A 315 -21.78 -10.79 -5.40
CA GLU A 315 -23.22 -11.05 -5.41
C GLU A 315 -23.65 -12.22 -6.30
N ASP A 316 -22.71 -12.76 -7.08
CA ASP A 316 -23.01 -13.91 -7.91
C ASP A 316 -22.08 -15.07 -7.61
N TYR A 317 -20.78 -14.80 -7.64
CA TYR A 317 -19.75 -15.82 -7.48
C TYR A 317 -19.66 -16.32 -6.03
N VAL A 318 -19.33 -15.42 -5.11
CA VAL A 318 -19.25 -15.78 -3.70
C VAL A 318 -20.62 -16.17 -3.16
N GLN A 319 -21.66 -15.49 -3.64
CA GLN A 319 -23.03 -15.80 -3.26
C GLN A 319 -23.38 -17.25 -3.57
N HIS A 320 -22.97 -17.71 -4.75
CA HIS A 320 -23.22 -19.09 -5.17
C HIS A 320 -22.49 -20.12 -4.30
N LEU A 321 -21.17 -19.99 -4.22
CA LEU A 321 -20.36 -20.99 -3.52
C LEU A 321 -20.59 -20.99 -2.01
N SER A 322 -21.09 -19.88 -1.48
CA SER A 322 -21.39 -19.79 -0.06
C SER A 322 -22.53 -20.74 0.29
N GLY A 323 -23.57 -20.72 -0.53
CA GLY A 323 -24.74 -21.56 -0.31
C GLY A 323 -25.74 -20.90 0.63
N TYR A 324 -25.46 -19.66 1.01
CA TYR A 324 -26.29 -18.95 1.98
C TYR A 324 -27.63 -18.56 1.37
N HIS A 325 -28.67 -18.55 2.20
CA HIS A 325 -29.97 -18.04 1.79
C HIS A 325 -29.98 -16.52 1.93
N PHE A 326 -29.06 -16.01 2.74
CA PHE A 326 -28.88 -14.58 2.87
C PHE A 326 -28.30 -14.00 1.59
N LYS A 327 -28.82 -12.84 1.19
CA LYS A 327 -28.40 -12.22 -0.06
C LYS A 327 -27.25 -11.24 0.16
N LEU A 328 -26.05 -11.66 -0.23
CA LEU A 328 -24.86 -10.83 -0.08
C LEU A 328 -24.97 -9.54 -0.88
N LYS A 329 -24.30 -8.49 -0.41
CA LYS A 329 -24.40 -7.18 -1.02
C LYS A 329 -23.04 -6.52 -1.14
N PHE A 330 -22.78 -5.90 -2.30
CA PHE A 330 -21.55 -5.13 -2.48
C PHE A 330 -21.83 -3.65 -2.26
N ASP A 331 -21.50 -3.17 -1.06
CA ASP A 331 -21.70 -1.77 -0.71
C ASP A 331 -20.57 -1.27 0.18
N PRO A 332 -19.58 -0.60 -0.42
CA PRO A 332 -18.41 -0.02 0.26
C PRO A 332 -18.76 0.87 1.45
N GLU A 333 -19.91 1.54 1.42
CA GLU A 333 -20.32 2.43 2.50
C GLU A 333 -20.41 1.75 3.86
N LEU A 334 -20.63 0.44 3.87
CA LEU A 334 -20.79 -0.30 5.11
C LEU A 334 -19.54 -0.29 5.99
N LEU A 335 -18.40 0.08 5.39
CA LEU A 335 -17.13 0.08 6.10
C LEU A 335 -16.64 1.49 6.41
N PHE A 336 -17.39 2.49 5.96
CA PHE A 336 -16.97 3.89 6.14
C PHE A 336 -16.94 4.30 7.62
N ASN A 337 -17.76 3.66 8.43
CA ASN A 337 -17.77 3.93 9.87
C ASN A 337 -17.06 2.82 10.64
N GLN A 338 -16.25 2.04 9.94
CA GLN A 338 -15.54 0.92 10.54
C GLN A 338 -14.04 1.06 10.34
N GLN A 339 -13.27 0.31 11.13
CA GLN A 339 -11.83 0.26 10.98
C GLN A 339 -11.45 -0.76 9.93
N PHE A 340 -10.91 -0.30 8.81
CA PHE A 340 -10.57 -1.17 7.70
C PHE A 340 -9.39 -0.61 6.90
N GLN A 341 -8.44 -1.47 6.57
CA GLN A 341 -7.27 -1.08 5.80
C GLN A 341 -7.48 -1.33 4.31
N TYR A 342 -7.58 -0.26 3.54
CA TYR A 342 -7.75 -0.36 2.10
C TYR A 342 -6.43 -0.71 1.41
N GLN A 343 -5.92 -1.90 1.72
CA GLN A 343 -4.72 -2.42 1.09
C GLN A 343 -4.75 -3.94 1.18
N ASN A 344 -4.00 -4.60 0.32
CA ASN A 344 -4.00 -6.05 0.29
C ASN A 344 -2.71 -6.63 -0.25
N ARG A 345 -2.27 -7.73 0.36
CA ARG A 345 -1.12 -8.46 -0.10
C ARG A 345 -1.53 -9.93 -0.26
N ILE A 346 -1.32 -10.49 -1.45
CA ILE A 346 -1.75 -11.85 -1.73
C ILE A 346 -0.97 -12.90 -0.96
N ALA A 347 -1.67 -13.68 -0.14
CA ALA A 347 -1.04 -14.71 0.67
C ALA A 347 -0.76 -15.96 -0.16
N SER A 348 0.37 -16.60 0.12
CA SER A 348 0.74 -17.83 -0.56
C SER A 348 -0.26 -18.94 -0.25
N GLU A 349 -0.84 -18.90 0.94
CA GLU A 349 -1.80 -19.92 1.36
C GLU A 349 -3.15 -19.74 0.66
N PHE A 350 -3.52 -18.50 0.40
CA PHE A 350 -4.71 -18.20 -0.39
C PHE A 350 -4.57 -18.86 -1.76
N ASN A 351 -3.38 -18.72 -2.33
CA ASN A 351 -3.05 -19.35 -3.60
C ASN A 351 -3.21 -20.87 -3.57
N THR A 352 -2.67 -21.50 -2.54
CA THR A 352 -2.67 -22.95 -2.41
C THR A 352 -4.09 -23.51 -2.25
N LEU A 353 -4.93 -22.85 -1.45
CA LEU A 353 -6.28 -23.34 -1.24
C LEU A 353 -7.16 -23.18 -2.47
N TYR A 354 -6.78 -22.28 -3.38
CA TYR A 354 -7.57 -22.02 -4.56
C TYR A 354 -7.26 -22.97 -5.71
N HIS A 355 -6.44 -23.98 -5.44
CA HIS A 355 -6.14 -25.00 -6.44
C HIS A 355 -7.32 -25.95 -6.57
N TRP A 356 -8.42 -25.46 -7.13
CA TRP A 356 -9.66 -26.22 -7.23
C TRP A 356 -9.69 -27.10 -8.48
N HIS A 357 -8.65 -27.91 -8.62
CA HIS A 357 -8.56 -28.87 -9.73
C HIS A 357 -9.74 -29.84 -9.85
N PRO A 358 -10.29 -30.34 -8.71
CA PRO A 358 -11.45 -31.22 -8.83
C PRO A 358 -12.64 -30.65 -9.61
N LEU A 359 -12.74 -29.32 -9.71
CA LEU A 359 -13.81 -28.69 -10.48
C LEU A 359 -13.84 -29.18 -11.92
N LEU A 360 -12.67 -29.46 -12.47
CA LEU A 360 -12.54 -29.87 -13.87
C LEU A 360 -13.23 -31.20 -14.15
N PRO A 361 -13.98 -31.26 -15.26
CA PRO A 361 -14.70 -32.46 -15.68
C PRO A 361 -13.81 -33.42 -16.45
N ASP A 362 -14.33 -34.59 -16.80
CA ASP A 362 -13.57 -35.55 -17.60
C ASP A 362 -13.47 -35.08 -19.04
N THR A 363 -14.56 -34.52 -19.54
CA THR A 363 -14.59 -33.95 -20.89
C THR A 363 -15.27 -32.58 -20.88
N PHE A 364 -14.95 -31.76 -21.88
CA PHE A 364 -15.57 -30.45 -22.02
C PHE A 364 -16.63 -30.47 -23.10
N ASN A 365 -17.88 -30.41 -22.69
CA ASN A 365 -19.01 -30.62 -23.58
C ASN A 365 -19.55 -29.34 -24.21
N ILE A 366 -19.20 -29.12 -25.47
CA ILE A 366 -19.72 -27.98 -26.22
C ILE A 366 -20.65 -28.47 -27.32
N GLU A 367 -21.89 -28.00 -27.30
CA GLU A 367 -22.91 -28.40 -28.27
C GLU A 367 -23.09 -29.91 -28.24
N ASP A 368 -22.79 -30.58 -29.35
CA ASP A 368 -22.91 -32.03 -29.41
C ASP A 368 -21.56 -32.73 -29.27
N GLN A 369 -20.51 -31.93 -29.10
CA GLN A 369 -19.16 -32.47 -29.00
C GLN A 369 -18.72 -32.67 -27.56
N GLU A 370 -17.81 -33.61 -27.35
CA GLU A 370 -17.21 -33.85 -26.05
C GLU A 370 -15.70 -33.88 -26.17
N TYR A 371 -15.06 -32.73 -26.00
CA TYR A 371 -13.62 -32.62 -26.17
C TYR A 371 -12.87 -33.10 -24.94
N SER A 372 -11.77 -33.82 -25.17
CA SER A 372 -10.90 -34.26 -24.09
C SER A 372 -9.90 -33.16 -23.76
N PHE A 373 -9.14 -33.34 -22.68
CA PHE A 373 -8.14 -32.38 -22.26
C PHE A 373 -7.13 -32.10 -23.38
N LYS A 374 -6.67 -33.15 -24.03
CA LYS A 374 -5.69 -33.03 -25.10
C LYS A 374 -6.26 -32.23 -26.26
N GLN A 375 -7.55 -32.44 -26.55
CA GLN A 375 -8.22 -31.73 -27.63
C GLN A 375 -8.58 -30.29 -27.25
N PHE A 376 -8.68 -30.03 -25.95
CA PHE A 376 -9.15 -28.74 -25.47
C PHE A 376 -8.01 -27.74 -25.30
N LEU A 377 -6.87 -28.21 -24.81
CA LEU A 377 -5.72 -27.36 -24.54
C LEU A 377 -5.21 -26.60 -25.77
N TYR A 378 -5.04 -25.29 -25.62
CA TYR A 378 -4.49 -24.42 -26.65
C TYR A 378 -5.29 -24.46 -27.96
N ASN A 379 -6.56 -24.85 -27.89
CA ASN A 379 -7.36 -24.99 -29.10
C ASN A 379 -8.47 -23.93 -29.18
N ASN A 380 -8.11 -22.75 -29.64
CA ASN A 380 -9.06 -21.65 -29.74
C ASN A 380 -10.01 -21.79 -30.93
N SER A 381 -9.72 -22.74 -31.81
CA SER A 381 -10.58 -22.98 -32.97
C SER A 381 -11.94 -23.49 -32.51
N ILE A 382 -11.95 -24.14 -31.36
CA ILE A 382 -13.20 -24.61 -30.75
C ILE A 382 -14.07 -23.42 -30.39
N LEU A 383 -13.44 -22.36 -29.87
CA LEU A 383 -14.15 -21.14 -29.50
C LEU A 383 -14.74 -20.47 -30.74
N LEU A 384 -13.97 -20.42 -31.81
CA LEU A 384 -14.42 -19.81 -33.05
C LEU A 384 -15.54 -20.61 -33.70
N GLU A 385 -15.33 -21.90 -33.86
CA GLU A 385 -16.27 -22.78 -34.54
C GLU A 385 -17.65 -22.79 -33.90
N HIS A 386 -17.68 -22.88 -32.57
CA HIS A 386 -18.94 -22.92 -31.85
C HIS A 386 -19.47 -21.52 -31.55
N GLY A 387 -18.57 -20.58 -31.31
CA GLY A 387 -18.97 -19.22 -30.97
C GLY A 387 -19.24 -19.08 -29.49
N LEU A 388 -19.21 -17.84 -29.00
CA LEU A 388 -19.40 -17.58 -27.57
C LEU A 388 -20.79 -17.97 -27.08
N THR A 389 -21.80 -17.81 -27.93
CA THR A 389 -23.17 -18.11 -27.55
C THR A 389 -23.36 -19.58 -27.18
N GLN A 390 -22.89 -20.47 -28.04
CA GLN A 390 -22.95 -21.90 -27.76
C GLN A 390 -22.08 -22.27 -26.57
N PHE A 391 -20.97 -21.58 -26.42
CA PHE A 391 -20.08 -21.78 -25.28
C PHE A 391 -20.79 -21.51 -23.96
N VAL A 392 -21.48 -20.37 -23.87
CA VAL A 392 -22.21 -19.99 -22.67
C VAL A 392 -23.37 -20.94 -22.37
N GLU A 393 -24.14 -21.28 -23.40
CA GLU A 393 -25.24 -22.22 -23.25
C GLU A 393 -24.75 -23.59 -22.77
N SER A 394 -23.66 -24.07 -23.37
CA SER A 394 -23.13 -25.38 -23.06
C SER A 394 -22.50 -25.44 -21.67
N PHE A 395 -21.73 -24.42 -21.32
CA PHE A 395 -21.04 -24.41 -20.04
C PHE A 395 -21.97 -24.10 -18.86
N THR A 396 -23.08 -23.44 -19.12
CA THR A 396 -24.07 -23.18 -18.08
C THR A 396 -24.75 -24.48 -17.68
N ARG A 397 -24.81 -25.42 -18.63
CA ARG A 397 -25.53 -26.67 -18.42
C ARG A 397 -24.64 -27.81 -17.92
N GLN A 398 -23.33 -27.70 -18.12
CA GLN A 398 -22.43 -28.78 -17.72
C GLN A 398 -21.99 -28.65 -16.26
N ILE A 399 -22.22 -29.71 -15.49
CA ILE A 399 -21.92 -29.74 -14.07
C ILE A 399 -20.41 -29.74 -13.81
N ALA A 400 -20.01 -29.21 -12.65
CA ALA A 400 -18.62 -29.23 -12.23
C ALA A 400 -18.40 -30.28 -11.14
N GLY A 401 -17.14 -30.59 -10.87
CA GLY A 401 -16.80 -31.59 -9.87
C GLY A 401 -16.68 -31.06 -8.45
N ARG A 402 -16.99 -31.90 -7.48
CA ARG A 402 -16.90 -31.54 -6.08
C ARG A 402 -15.44 -31.38 -5.68
N VAL A 403 -15.12 -30.30 -4.98
CA VAL A 403 -13.73 -30.00 -4.62
C VAL A 403 -13.28 -30.74 -3.37
N ALA A 404 -14.10 -30.72 -2.32
CA ALA A 404 -13.81 -31.47 -1.11
C ALA A 404 -14.37 -32.89 -1.20
N GLY A 405 -14.08 -33.71 -0.21
CA GLY A 405 -14.63 -35.06 -0.15
C GLY A 405 -13.65 -36.15 -0.57
N GLY A 406 -12.57 -35.75 -1.23
CA GLY A 406 -11.53 -36.69 -1.62
C GLY A 406 -11.72 -37.33 -2.98
N ARG A 407 -10.60 -37.73 -3.59
CA ARG A 407 -10.59 -38.50 -4.82
C ARG A 407 -11.47 -37.93 -5.94
N ASN A 408 -11.16 -36.71 -6.38
CA ASN A 408 -11.88 -36.11 -7.48
C ASN A 408 -10.97 -35.26 -8.37
N VAL A 409 -9.67 -35.42 -8.20
CA VAL A 409 -8.71 -34.73 -9.05
C VAL A 409 -8.48 -35.51 -10.34
N PRO A 410 -8.79 -34.87 -11.49
CA PRO A 410 -8.62 -35.52 -12.80
C PRO A 410 -7.18 -35.96 -13.02
N ILE A 411 -6.99 -37.10 -13.67
CA ILE A 411 -5.64 -37.63 -13.89
C ILE A 411 -4.87 -36.73 -14.86
N ALA A 412 -5.58 -36.01 -15.70
CA ALA A 412 -4.96 -35.13 -16.68
C ALA A 412 -4.19 -34.00 -16.03
N VAL A 413 -4.57 -33.64 -14.81
CA VAL A 413 -3.91 -32.56 -14.09
C VAL A 413 -3.25 -33.05 -12.80
N GLN A 414 -2.89 -34.33 -12.77
CA GLN A 414 -2.26 -34.92 -11.59
C GLN A 414 -0.91 -34.27 -11.27
N ALA A 415 -0.21 -33.83 -12.30
CA ALA A 415 1.10 -33.23 -12.15
C ALA A 415 1.01 -31.87 -11.46
N VAL A 416 -0.07 -31.15 -11.75
CA VAL A 416 -0.33 -29.86 -11.12
C VAL A 416 -0.66 -30.05 -9.64
N ALA A 417 -1.50 -31.05 -9.37
CA ALA A 417 -1.91 -31.38 -8.01
C ALA A 417 -0.71 -31.81 -7.17
N LYS A 418 0.17 -32.62 -7.76
CA LYS A 418 1.37 -33.08 -7.08
C LYS A 418 2.31 -31.91 -6.81
N ALA A 419 2.39 -30.99 -7.76
CA ALA A 419 3.24 -29.81 -7.62
C ALA A 419 2.78 -28.94 -6.46
N SER A 420 1.47 -28.93 -6.19
CA SER A 420 0.92 -28.15 -5.10
C SER A 420 1.41 -28.67 -3.76
N ILE A 421 1.61 -29.99 -3.67
CA ILE A 421 2.11 -30.58 -2.45
C ILE A 421 3.61 -30.35 -2.32
N ASP A 422 4.34 -30.58 -3.41
CA ASP A 422 5.79 -30.41 -3.42
C ASP A 422 6.20 -28.97 -3.13
N GLN A 423 5.53 -28.02 -3.76
CA GLN A 423 5.86 -26.61 -3.58
C GLN A 423 5.50 -26.12 -2.18
N SER A 424 4.43 -26.67 -1.61
CA SER A 424 4.02 -26.34 -0.25
C SER A 424 5.08 -26.77 0.75
N ARG A 425 5.79 -27.85 0.42
CA ARG A 425 6.86 -28.36 1.26
C ARG A 425 8.15 -27.55 1.05
N GLU A 426 8.37 -27.11 -0.18
CA GLU A 426 9.50 -26.24 -0.48
C GLU A 426 9.35 -24.91 0.24
N MET A 427 8.12 -24.42 0.30
CA MET A 427 7.82 -23.17 0.99
C MET A 427 7.65 -23.41 2.48
N LYS A 428 7.83 -24.66 2.89
CA LYS A 428 7.81 -25.04 4.30
CA LYS A 428 7.79 -25.07 4.29
C LYS A 428 6.54 -24.59 5.02
N TYR A 429 5.38 -24.96 4.49
CA TYR A 429 4.11 -24.64 5.13
C TYR A 429 4.03 -25.35 6.48
N GLN A 430 3.29 -24.75 7.41
CA GLN A 430 2.98 -25.42 8.66
C GLN A 430 1.82 -26.37 8.42
N SER A 431 1.48 -27.16 9.44
CA SER A 431 0.49 -28.22 9.28
C SER A 431 -0.93 -27.68 9.14
N LEU A 432 -1.86 -28.58 8.83
CA LEU A 432 -3.27 -28.25 8.74
C LEU A 432 -3.81 -27.68 10.04
N ASN A 433 -3.51 -28.36 11.15
CA ASN A 433 -4.03 -27.95 12.45
C ASN A 433 -3.46 -26.62 12.92
N GLU A 434 -2.26 -26.26 12.45
CA GLU A 434 -1.68 -24.97 12.77
C GLU A 434 -2.46 -23.87 12.05
N TYR A 435 -2.86 -24.13 10.82
CA TYR A 435 -3.63 -23.17 10.06
C TYR A 435 -5.08 -23.10 10.55
N ARG A 436 -5.56 -24.20 11.12
CA ARG A 436 -6.91 -24.20 11.70
C ARG A 436 -6.94 -23.35 12.97
N LYS A 437 -5.95 -23.52 13.84
CA LYS A 437 -5.84 -22.71 15.06
C LYS A 437 -5.66 -21.24 14.72
N ARG A 438 -4.85 -20.98 13.69
CA ARG A 438 -4.57 -19.62 13.22
C ARG A 438 -5.85 -18.89 12.82
N PHE A 439 -6.83 -19.64 12.33
CA PHE A 439 -8.08 -19.05 11.89
C PHE A 439 -9.26 -19.43 12.80
N SER A 440 -8.96 -19.62 14.08
CA SER A 440 -9.96 -19.85 15.11
C SER A 440 -10.81 -21.09 14.87
N LEU A 441 -10.16 -22.17 14.45
CA LEU A 441 -10.84 -23.45 14.28
C LEU A 441 -10.27 -24.48 15.25
N LYS A 442 -11.10 -25.42 15.68
CA LYS A 442 -10.64 -26.49 16.55
C LYS A 442 -9.79 -27.48 15.73
N PRO A 443 -8.64 -27.89 16.28
CA PRO A 443 -7.77 -28.85 15.61
C PRO A 443 -8.42 -30.23 15.49
N TYR A 444 -8.22 -30.89 14.35
CA TYR A 444 -8.73 -32.23 14.15
C TYR A 444 -8.01 -33.23 15.04
N THR A 445 -8.77 -33.98 15.83
CA THR A 445 -8.19 -34.90 16.80
C THR A 445 -7.96 -36.29 16.20
N SER A 446 -8.37 -36.46 14.95
CA SER A 446 -8.14 -37.72 14.24
C SER A 446 -8.37 -37.54 12.74
N PHE A 447 -7.85 -38.47 11.95
CA PHE A 447 -8.02 -38.44 10.51
C PHE A 447 -9.46 -38.73 10.12
N GLU A 448 -10.16 -39.51 10.93
CA GLU A 448 -11.55 -39.83 10.68
C GLU A 448 -12.44 -38.62 10.93
N GLU A 449 -12.05 -37.79 11.88
CA GLU A 449 -12.74 -36.54 12.14
C GLU A 449 -12.56 -35.60 10.95
N LEU A 450 -11.41 -35.70 10.31
CA LEU A 450 -11.07 -34.86 9.16
C LEU A 450 -11.87 -35.25 7.91
N THR A 451 -11.83 -36.52 7.54
CA THR A 451 -12.46 -36.99 6.30
C THR A 451 -13.94 -37.28 6.48
N GLY A 452 -14.33 -37.67 7.69
CA GLY A 452 -15.70 -38.03 7.97
C GLY A 452 -16.02 -39.44 7.51
N GLU A 453 -14.99 -40.14 7.06
CA GLU A 453 -15.14 -41.53 6.61
C GLU A 453 -13.98 -42.37 7.16
N LYS A 454 -13.78 -43.56 6.58
CA LYS A 454 -12.80 -44.49 7.15
C LYS A 454 -11.70 -44.93 6.17
N GLU A 455 -12.05 -45.10 4.91
CA GLU A 455 -11.09 -45.65 3.94
C GLU A 455 -9.93 -44.70 3.66
N MET A 456 -10.23 -43.44 3.38
CA MET A 456 -9.20 -42.44 3.15
C MET A 456 -8.48 -42.07 4.46
N ALA A 457 -9.24 -42.08 5.55
CA ALA A 457 -8.70 -41.75 6.86
C ALA A 457 -7.64 -42.76 7.29
N ALA A 458 -7.89 -44.02 6.99
CA ALA A 458 -6.94 -45.08 7.31
C ALA A 458 -5.67 -44.95 6.48
N GLU A 459 -5.83 -44.68 5.19
CA GLU A 459 -4.69 -44.48 4.31
C GLU A 459 -3.83 -43.31 4.78
N LEU A 460 -4.49 -42.22 5.13
CA LEU A 460 -3.80 -41.02 5.61
C LEU A 460 -3.09 -41.29 6.95
N LYS A 461 -3.66 -42.18 7.75
CA LYS A 461 -3.07 -42.53 9.03
C LYS A 461 -1.76 -43.28 8.83
N ALA A 462 -1.71 -44.15 7.84
CA ALA A 462 -0.52 -44.93 7.56
C ALA A 462 0.55 -44.08 6.90
N LEU A 463 0.13 -43.02 6.23
CA LEU A 463 1.05 -42.13 5.52
C LEU A 463 1.65 -41.05 6.44
N TYR A 464 0.81 -40.47 7.29
CA TYR A 464 1.23 -39.33 8.10
C TYR A 464 1.47 -39.66 9.57
N SER A 465 0.91 -40.79 10.03
CA SER A 465 1.03 -41.26 11.41
C SER A 465 0.38 -40.31 12.43
N ASP A 466 0.69 -39.02 12.34
CA ASP A 466 0.14 -38.02 13.27
C ASP A 466 -0.81 -37.07 12.55
N ILE A 467 -1.97 -36.83 13.15
CA ILE A 467 -2.94 -35.89 12.58
C ILE A 467 -2.41 -34.46 12.64
N ASP A 468 -1.55 -34.18 13.61
CA ASP A 468 -1.00 -32.85 13.79
C ASP A 468 0.07 -32.49 12.76
N VAL A 469 0.43 -33.43 11.91
CA VAL A 469 1.38 -33.14 10.83
C VAL A 469 0.76 -33.39 9.46
N MET A 470 -0.56 -33.51 9.41
CA MET A 470 -1.28 -33.59 8.16
C MET A 470 -1.12 -32.27 7.40
N GLU A 471 -0.88 -32.35 6.10
CA GLU A 471 -0.59 -31.16 5.30
C GLU A 471 -1.85 -30.39 4.92
N LEU A 472 -1.69 -29.10 4.62
CA LEU A 472 -2.82 -28.22 4.36
C LEU A 472 -3.56 -28.55 3.07
N TYR A 473 -2.86 -28.48 1.94
CA TYR A 473 -3.50 -28.65 0.64
C TYR A 473 -4.23 -29.99 0.45
N PRO A 474 -3.59 -31.12 0.78
CA PRO A 474 -4.35 -32.36 0.57
C PRO A 474 -5.51 -32.53 1.54
N ALA A 475 -5.47 -31.82 2.67
CA ALA A 475 -6.55 -31.91 3.66
C ALA A 475 -7.79 -31.17 3.17
N LEU A 476 -7.58 -30.13 2.38
CA LEU A 476 -8.69 -29.34 1.85
C LEU A 476 -9.50 -30.13 0.84
N LEU A 477 -8.82 -31.05 0.13
CA LEU A 477 -9.48 -31.82 -0.91
C LEU A 477 -10.11 -33.11 -0.39
N VAL A 478 -9.68 -33.57 0.77
CA VAL A 478 -10.24 -34.79 1.35
C VAL A 478 -11.16 -34.50 2.52
N GLU A 479 -11.25 -33.24 2.92
CA GLU A 479 -12.04 -32.86 4.09
C GLU A 479 -13.51 -33.21 3.90
N LYS A 480 -14.14 -33.60 5.00
CA LYS A 480 -15.57 -33.84 5.01
C LYS A 480 -16.31 -32.58 4.61
N PRO A 481 -17.02 -32.61 3.48
CA PRO A 481 -17.73 -31.42 3.03
C PRO A 481 -18.91 -31.12 3.92
N ARG A 482 -19.34 -29.87 3.95
CA ARG A 482 -20.62 -29.51 4.57
C ARG A 482 -21.72 -30.29 3.85
N PRO A 483 -22.86 -30.50 4.52
CA PRO A 483 -23.98 -31.25 3.92
C PRO A 483 -24.34 -30.77 2.52
N ASP A 484 -24.04 -31.61 1.52
CA ASP A 484 -24.35 -31.35 0.12
C ASP A 484 -23.68 -30.07 -0.41
N ALA A 485 -22.51 -29.75 0.13
CA ALA A 485 -21.78 -28.57 -0.28
C ALA A 485 -20.54 -28.95 -1.09
N ILE A 486 -19.81 -27.94 -1.56
CA ILE A 486 -18.64 -28.16 -2.39
C ILE A 486 -17.35 -28.15 -1.56
N PHE A 487 -17.37 -27.44 -0.45
CA PHE A 487 -16.18 -27.29 0.39
C PHE A 487 -16.38 -27.85 1.79
N GLY A 488 -15.29 -27.93 2.54
CA GLY A 488 -15.36 -28.25 3.94
C GLY A 488 -15.15 -26.98 4.76
N GLU A 489 -15.10 -27.13 6.07
CA GLU A 489 -14.96 -26.00 6.99
C GLU A 489 -13.69 -25.18 6.74
N THR A 490 -12.57 -25.87 6.60
CA THR A 490 -11.26 -25.21 6.51
C THR A 490 -11.15 -24.36 5.25
N MET A 491 -11.74 -24.81 4.16
CA MET A 491 -11.71 -24.06 2.91
C MET A 491 -12.44 -22.73 3.04
N VAL A 492 -13.60 -22.76 3.66
CA VAL A 492 -14.41 -21.55 3.80
C VAL A 492 -13.82 -20.60 4.85
N GLU A 493 -13.48 -21.14 6.01
CA GLU A 493 -13.03 -20.31 7.13
C GLU A 493 -11.64 -19.70 6.91
N LEU A 494 -10.93 -20.21 5.90
CA LEU A 494 -9.67 -19.61 5.50
C LEU A 494 -9.84 -18.76 4.24
N GLY A 495 -10.66 -19.26 3.32
CA GLY A 495 -10.87 -18.58 2.05
C GLY A 495 -11.64 -17.28 2.16
N ALA A 496 -12.68 -17.27 2.99
CA ALA A 496 -13.53 -16.10 3.14
C ALA A 496 -12.77 -14.86 3.65
N PRO A 497 -11.89 -15.00 4.67
CA PRO A 497 -11.13 -13.82 5.06
C PRO A 497 -10.27 -13.27 3.93
N PHE A 498 -9.51 -14.15 3.28
CA PHE A 498 -8.64 -13.77 2.18
C PHE A 498 -9.38 -13.08 1.04
N SER A 499 -10.46 -13.70 0.58
CA SER A 499 -11.24 -13.16 -0.54
C SER A 499 -11.82 -11.78 -0.23
N LEU A 500 -12.58 -11.70 0.86
CA LEU A 500 -13.24 -10.45 1.23
C LEU A 500 -12.25 -9.31 1.49
N LYS A 501 -11.07 -9.68 1.97
CA LYS A 501 -10.00 -8.70 2.19
C LYS A 501 -9.55 -8.07 0.88
N GLY A 502 -9.25 -8.91 -0.11
CA GLY A 502 -8.79 -8.43 -1.39
C GLY A 502 -9.87 -7.68 -2.15
N LEU A 503 -11.13 -8.06 -1.92
CA LEU A 503 -12.24 -7.45 -2.63
C LEU A 503 -12.52 -6.04 -2.12
N MET A 504 -12.71 -5.90 -0.81
CA MET A 504 -13.04 -4.60 -0.23
C MET A 504 -11.80 -3.74 -0.03
N GLY A 505 -10.63 -4.37 -0.03
CA GLY A 505 -9.37 -3.67 0.17
C GLY A 505 -8.91 -2.90 -1.05
N ASN A 506 -9.69 -2.95 -2.10
CA ASN A 506 -9.42 -2.21 -3.33
C ASN A 506 -9.58 -0.71 -3.08
N PRO A 507 -8.74 0.12 -3.72
CA PRO A 507 -8.88 1.57 -3.54
C PRO A 507 -10.21 2.14 -3.98
N ILE A 508 -10.89 1.51 -4.95
CA ILE A 508 -12.15 2.06 -5.43
C ILE A 508 -13.25 1.89 -4.39
N CYS A 509 -12.98 1.10 -3.35
CA CYS A 509 -13.92 0.94 -2.25
C CYS A 509 -13.69 1.99 -1.16
N SER A 510 -12.62 2.78 -1.32
CA SER A 510 -12.31 3.84 -0.36
C SER A 510 -13.21 5.06 -0.60
N PRO A 511 -13.55 5.78 0.48
CA PRO A 511 -14.46 6.94 0.44
C PRO A 511 -14.10 7.97 -0.63
N GLN A 512 -12.82 8.22 -0.85
CA GLN A 512 -12.40 9.21 -1.82
C GLN A 512 -12.59 8.72 -3.25
N TYR A 513 -12.68 7.41 -3.41
CA TYR A 513 -12.88 6.83 -4.73
C TYR A 513 -14.35 6.51 -5.01
N TRP A 514 -15.07 6.06 -3.98
CA TRP A 514 -16.44 5.63 -4.17
C TRP A 514 -17.39 6.81 -4.40
N LYS A 515 -17.27 7.40 -5.59
CA LYS A 515 -18.07 8.56 -5.97
C LYS A 515 -18.41 8.47 -7.45
N PRO A 516 -19.54 9.07 -7.85
CA PRO A 516 -19.94 9.09 -9.27
C PRO A 516 -18.89 9.72 -10.18
N SER A 517 -18.21 10.76 -9.71
CA SER A 517 -17.21 11.45 -10.52
C SER A 517 -16.06 10.53 -10.91
N THR A 518 -15.72 9.61 -10.02
CA THR A 518 -14.65 8.65 -10.25
C THR A 518 -14.90 7.79 -11.49
N PHE A 519 -16.17 7.45 -11.71
CA PHE A 519 -16.53 6.57 -12.81
C PHE A 519 -17.25 7.31 -13.94
N GLY A 520 -17.02 8.62 -14.01
CA GLY A 520 -17.52 9.42 -15.13
C GLY A 520 -18.94 9.92 -14.98
N GLY A 521 -19.44 9.96 -13.74
CA GLY A 521 -20.78 10.44 -13.49
C GLY A 521 -21.71 9.32 -13.03
N GLU A 522 -23.00 9.61 -12.98
CA GLU A 522 -23.99 8.65 -12.52
C GLU A 522 -24.09 7.44 -13.46
N VAL A 523 -23.88 7.68 -14.74
CA VAL A 523 -24.01 6.63 -15.74
C VAL A 523 -22.98 5.51 -15.53
N GLY A 524 -21.71 5.87 -15.42
CA GLY A 524 -20.67 4.90 -15.16
C GLY A 524 -20.84 4.21 -13.83
N PHE A 525 -21.38 4.94 -12.85
CA PHE A 525 -21.61 4.42 -11.52
C PHE A 525 -22.71 3.37 -11.53
N LYS A 526 -23.73 3.58 -12.37
CA LYS A 526 -24.86 2.68 -12.45
C LYS A 526 -24.49 1.37 -13.14
N ILE A 527 -23.52 1.43 -14.05
CA ILE A 527 -23.01 0.24 -14.71
C ILE A 527 -22.48 -0.74 -13.68
N ILE A 528 -21.73 -0.21 -12.72
CA ILE A 528 -21.15 -1.00 -11.63
C ILE A 528 -22.20 -1.61 -10.71
N ASN A 529 -23.09 -0.76 -10.21
CA ASN A 529 -24.00 -1.15 -9.15
C ASN A 529 -25.20 -1.98 -9.61
N THR A 530 -25.25 -2.29 -10.89
CA THR A 530 -26.29 -3.16 -11.42
C THR A 530 -25.69 -4.35 -12.17
N ALA A 531 -24.37 -4.41 -12.20
CA ALA A 531 -23.66 -5.47 -12.90
C ALA A 531 -23.98 -6.84 -12.32
N SER A 532 -24.04 -7.83 -13.20
CA SER A 532 -24.22 -9.21 -12.79
C SER A 532 -23.62 -10.11 -13.86
N ILE A 533 -23.44 -11.39 -13.53
CA ILE A 533 -22.87 -12.34 -14.49
C ILE A 533 -23.83 -12.52 -15.67
N GLN A 534 -25.11 -12.32 -15.43
CA GLN A 534 -26.11 -12.41 -16.49
C GLN A 534 -26.07 -11.18 -17.39
N SER A 535 -25.91 -10.00 -16.78
CA SER A 535 -25.82 -8.76 -17.53
C SER A 535 -24.55 -8.73 -18.37
N LEU A 536 -23.48 -9.28 -17.81
CA LEU A 536 -22.19 -9.34 -18.50
C LEU A 536 -22.30 -10.14 -19.80
N ILE A 537 -22.98 -11.28 -19.73
CA ILE A 537 -23.15 -12.15 -20.89
C ILE A 537 -24.18 -11.55 -21.85
N CYS A 538 -25.26 -11.02 -21.28
CA CYS A 538 -26.34 -10.44 -22.07
C CYS A 538 -25.86 -9.31 -22.98
N ASN A 539 -25.03 -8.42 -22.45
CA ASN A 539 -24.56 -7.26 -23.20
C ASN A 539 -23.48 -7.58 -24.24
N ASN A 540 -22.72 -8.64 -24.00
CA ASN A 540 -21.53 -8.90 -24.82
C ASN A 540 -21.55 -10.20 -25.60
N VAL A 541 -22.59 -11.01 -25.40
CA VAL A 541 -22.70 -12.26 -26.14
C VAL A 541 -23.93 -12.21 -27.03
N LYS A 542 -23.75 -12.58 -28.29
CA LYS A 542 -24.84 -12.56 -29.27
C LYS A 542 -26.00 -13.43 -28.82
N GLY A 543 -27.21 -12.91 -28.97
CA GLY A 543 -28.42 -13.65 -28.62
C GLY A 543 -28.80 -13.56 -27.16
N CYS A 544 -27.90 -13.02 -26.34
CA CYS A 544 -28.11 -12.89 -24.90
C CYS A 544 -28.62 -14.19 -24.27
N PRO A 545 -27.77 -15.22 -24.21
CA PRO A 545 -28.21 -16.48 -23.61
C PRO A 545 -28.33 -16.39 -22.09
N PHE A 546 -29.23 -17.16 -21.51
CA PHE A 546 -29.31 -17.28 -20.07
C PHE A 546 -28.02 -17.92 -19.54
N THR A 547 -27.49 -17.37 -18.45
CA THR A 547 -26.31 -17.95 -17.83
C THR A 547 -26.39 -17.87 -16.31
N SER A 548 -25.59 -18.69 -15.65
CA SER A 548 -25.62 -18.80 -14.20
C SER A 548 -24.45 -19.65 -13.71
N PHE A 549 -24.06 -19.46 -12.46
CA PHE A 549 -23.00 -20.25 -11.87
C PHE A 549 -23.54 -21.60 -11.40
N ASN A 550 -24.87 -21.76 -11.48
CA ASN A 550 -25.51 -23.02 -11.11
CA ASN A 550 -25.52 -23.00 -11.11
C ASN A 550 -26.28 -23.63 -12.28
N VAL A 551 -26.30 -24.95 -12.34
CA VAL A 551 -27.00 -25.64 -13.42
C VAL A 551 -28.51 -25.61 -13.22
N GLN A 552 -28.96 -25.87 -11.99
CA GLN A 552 -30.38 -25.93 -11.66
C GLN A 552 -31.16 -26.86 -12.58
N HIS B 1 -11.97 25.49 -24.18
CA HIS B 1 -11.06 24.98 -23.17
C HIS B 1 -11.80 24.18 -22.10
N HIS B 2 -11.04 23.54 -21.22
CA HIS B 2 -11.62 22.67 -20.20
C HIS B 2 -12.57 23.43 -19.27
N PRO B 3 -13.79 22.91 -19.09
CA PRO B 3 -14.85 23.55 -18.30
C PRO B 3 -14.53 23.71 -16.82
N CYS B 4 -13.49 23.05 -16.33
CA CYS B 4 -13.18 23.09 -14.91
C CYS B 4 -11.93 23.92 -14.60
N CYS B 5 -11.54 24.76 -15.55
CA CYS B 5 -10.35 25.60 -15.39
C CYS B 5 -10.50 26.62 -14.27
N SER B 6 -11.71 27.11 -14.06
CA SER B 6 -11.94 28.15 -13.06
C SER B 6 -12.01 27.59 -11.64
N ASN B 7 -11.85 26.27 -11.53
CA ASN B 7 -11.99 25.57 -10.26
C ASN B 7 -13.28 25.92 -9.55
N PRO B 8 -14.43 25.60 -10.16
CA PRO B 8 -15.72 26.07 -9.64
C PRO B 8 -16.18 25.32 -8.39
N CYS B 9 -15.75 24.09 -8.22
CA CYS B 9 -16.19 23.27 -7.09
C CYS B 9 -15.47 23.63 -5.79
N GLN B 10 -16.24 23.86 -4.73
CA GLN B 10 -15.68 24.26 -3.45
C GLN B 10 -15.82 23.16 -2.42
N ASN B 11 -15.11 23.32 -1.30
CA ASN B 11 -15.21 22.41 -0.17
C ASN B 11 -14.97 20.93 -0.51
N ARG B 12 -13.84 20.66 -1.17
CA ARG B 12 -13.41 19.32 -1.53
C ARG B 12 -14.35 18.63 -2.52
N GLY B 13 -15.08 19.42 -3.29
CA GLY B 13 -15.96 18.88 -4.32
C GLY B 13 -15.18 18.53 -5.57
N GLU B 14 -15.55 17.40 -6.18
CA GLU B 14 -14.87 16.94 -7.39
C GLU B 14 -15.51 17.52 -8.64
N CYS B 15 -14.68 18.07 -9.53
CA CYS B 15 -15.18 18.68 -10.76
C CYS B 15 -15.05 17.72 -11.94
N MET B 16 -16.07 17.72 -12.79
CA MET B 16 -16.11 16.83 -13.95
C MET B 16 -16.76 17.53 -15.12
N SER B 17 -16.14 17.43 -16.30
CA SER B 17 -16.70 18.04 -17.49
C SER B 17 -17.86 17.20 -18.01
N THR B 18 -19.00 17.85 -18.27
CA THR B 18 -20.16 17.18 -18.79
C THR B 18 -20.56 17.81 -20.12
N GLY B 19 -19.68 17.71 -21.09
CA GLY B 19 -19.84 18.43 -22.35
C GLY B 19 -18.63 19.32 -22.58
N PHE B 20 -18.61 20.00 -23.72
CA PHE B 20 -17.46 20.82 -24.07
C PHE B 20 -17.40 22.11 -23.25
N ASP B 21 -18.55 22.58 -22.78
CA ASP B 21 -18.61 23.87 -22.09
C ASP B 21 -19.45 23.83 -20.81
N GLN B 22 -19.60 22.64 -20.23
CA GLN B 22 -20.37 22.49 -18.99
C GLN B 22 -19.63 21.60 -18.00
N TYR B 23 -19.95 21.75 -16.72
CA TYR B 23 -19.35 20.91 -15.69
C TYR B 23 -20.37 20.42 -14.69
N LYS B 24 -19.93 19.53 -13.80
CA LYS B 24 -20.76 19.01 -12.73
C LYS B 24 -19.89 18.78 -11.50
N CYS B 25 -20.36 19.24 -10.34
CA CYS B 25 -19.62 19.09 -9.10
C CYS B 25 -20.14 17.92 -8.27
N ASP B 26 -19.25 16.99 -7.94
CA ASP B 26 -19.59 15.87 -7.07
C ASP B 26 -19.38 16.31 -5.62
N CYS B 27 -20.48 16.46 -4.90
CA CYS B 27 -20.44 17.00 -3.54
C CYS B 27 -20.51 15.92 -2.47
N THR B 28 -20.35 14.67 -2.89
CA THR B 28 -20.47 13.51 -2.00
C THR B 28 -19.59 13.60 -0.76
N ARG B 29 -20.22 13.47 0.41
CA ARG B 29 -19.53 13.45 1.71
C ARG B 29 -18.67 14.69 1.96
N THR B 30 -19.09 15.83 1.43
CA THR B 30 -18.37 17.08 1.66
C THR B 30 -19.06 17.92 2.73
N GLY B 31 -20.33 17.61 3.00
CA GLY B 31 -21.11 18.36 3.96
C GLY B 31 -21.83 19.51 3.30
N PHE B 32 -21.58 19.69 2.00
CA PHE B 32 -22.20 20.75 1.23
C PHE B 32 -22.96 20.20 0.03
N TYR B 33 -23.91 20.96 -0.47
CA TYR B 33 -24.59 20.61 -1.71
C TYR B 33 -24.77 21.85 -2.56
N GLY B 34 -25.46 21.70 -3.69
CA GLY B 34 -25.63 22.81 -4.62
C GLY B 34 -24.73 22.64 -5.82
N GLU B 35 -24.91 23.51 -6.81
CA GLU B 35 -24.17 23.45 -8.06
C GLU B 35 -22.66 23.49 -7.86
N ASN B 36 -22.21 24.30 -6.90
CA ASN B 36 -20.79 24.49 -6.65
C ASN B 36 -20.32 23.97 -5.30
N CYS B 37 -21.15 23.14 -4.67
CA CYS B 37 -20.89 22.61 -3.33
C CYS B 37 -20.67 23.74 -2.32
N THR B 38 -21.55 24.73 -2.34
CA THR B 38 -21.40 25.90 -1.49
C THR B 38 -22.49 26.01 -0.43
N THR B 39 -23.61 25.32 -0.63
CA THR B 39 -24.70 25.35 0.33
C THR B 39 -24.46 24.33 1.44
N PRO B 40 -24.21 24.82 2.67
CA PRO B 40 -23.88 23.94 3.79
C PRO B 40 -25.09 23.23 4.36
N GLU B 41 -24.90 21.99 4.79
CA GLU B 41 -25.94 21.27 5.50
C GLU B 41 -26.01 21.81 6.93
N PHE B 42 -27.04 21.43 7.67
CA PHE B 42 -27.26 22.01 8.99
C PHE B 42 -26.14 21.69 9.96
N LEU B 43 -25.74 20.42 10.02
CA LEU B 43 -24.65 20.01 10.90
C LEU B 43 -23.36 20.71 10.51
N THR B 44 -23.17 20.91 9.21
CA THR B 44 -21.99 21.59 8.69
C THR B 44 -21.97 23.05 9.17
N ARG B 45 -23.14 23.68 9.20
CA ARG B 45 -23.26 25.04 9.70
C ARG B 45 -22.78 25.14 11.14
N ILE B 46 -23.19 24.18 11.97
CA ILE B 46 -22.83 24.16 13.37
C ILE B 46 -21.34 23.92 13.56
N LYS B 47 -20.78 23.04 12.74
CA LYS B 47 -19.36 22.71 12.82
C LYS B 47 -18.50 23.94 12.49
N LEU B 48 -18.87 24.66 11.45
CA LEU B 48 -18.14 25.86 11.07
C LEU B 48 -18.37 27.01 12.05
N LEU B 49 -19.40 26.87 12.87
CA LEU B 49 -19.74 27.89 13.86
C LEU B 49 -18.89 27.73 15.11
N LEU B 50 -18.35 26.53 15.31
CA LEU B 50 -17.57 26.24 16.51
C LEU B 50 -16.10 26.03 16.22
N LYS B 51 -15.77 25.78 14.96
CA LYS B 51 -14.39 25.53 14.56
C LYS B 51 -13.54 26.79 14.69
N PRO B 52 -12.56 26.76 15.60
CA PRO B 52 -11.66 27.91 15.80
C PRO B 52 -10.60 27.99 14.71
N THR B 53 -10.17 29.21 14.38
CA THR B 53 -9.14 29.40 13.36
C THR B 53 -7.81 28.82 13.84
N PRO B 54 -6.98 28.35 12.90
CA PRO B 54 -5.65 27.82 13.21
C PRO B 54 -4.79 28.83 13.98
N ASN B 55 -5.02 30.11 13.75
CA ASN B 55 -4.28 31.16 14.43
C ASN B 55 -4.60 31.23 15.92
N THR B 56 -5.87 31.06 16.27
CA THR B 56 -6.26 31.06 17.67
C THR B 56 -5.79 29.78 18.35
N VAL B 57 -5.79 28.69 17.60
CA VAL B 57 -5.30 27.41 18.11
C VAL B 57 -3.80 27.48 18.37
N HIS B 58 -3.07 28.08 17.45
CA HIS B 58 -1.63 28.26 17.59
C HIS B 58 -1.32 29.16 18.78
N TYR B 59 -2.18 30.15 19.02
CA TYR B 59 -1.99 31.07 20.13
C TYR B 59 -2.06 30.33 21.46
N ILE B 60 -3.09 29.50 21.62
CA ILE B 60 -3.28 28.74 22.85
C ILE B 60 -2.12 27.80 23.12
N LEU B 61 -1.68 27.09 22.10
CA LEU B 61 -0.59 26.13 22.21
C LEU B 61 0.75 26.78 22.51
N THR B 62 0.89 28.05 22.14
CA THR B 62 2.15 28.76 22.33
C THR B 62 2.11 29.72 23.52
N HIS B 63 1.00 29.70 24.26
CA HIS B 63 0.88 30.49 25.47
C HIS B 63 0.45 29.63 26.64
N PHE B 64 0.34 30.25 27.83
CA PHE B 64 -0.05 29.56 29.05
C PHE B 64 0.91 28.41 29.35
N LYS B 65 2.20 28.72 29.36
CA LYS B 65 3.25 27.71 29.55
C LYS B 65 3.10 26.97 30.87
N GLY B 66 2.71 27.70 31.92
CA GLY B 66 2.51 27.10 33.22
C GLY B 66 1.40 26.08 33.20
N VAL B 67 0.31 26.41 32.51
CA VAL B 67 -0.82 25.51 32.38
C VAL B 67 -0.42 24.26 31.61
N TRP B 68 0.32 24.44 30.52
CA TRP B 68 0.79 23.32 29.72
C TRP B 68 1.78 22.47 30.49
N ASN B 69 2.54 23.09 31.37
CA ASN B 69 3.48 22.36 32.22
C ASN B 69 2.73 21.44 33.17
N ILE B 70 1.52 21.83 33.53
CA ILE B 70 0.65 20.99 34.35
C ILE B 70 0.08 19.85 33.52
N VAL B 71 -0.38 20.17 32.31
CA VAL B 71 -0.97 19.18 31.41
C VAL B 71 0.04 18.09 31.03
N ASN B 72 1.28 18.49 30.75
CA ASN B 72 2.31 17.55 30.33
C ASN B 72 2.62 16.49 31.38
N ASN B 73 2.31 16.78 32.63
CA ASN B 73 2.57 15.85 33.73
C ASN B 73 1.33 15.06 34.13
N ILE B 74 0.32 15.09 33.27
CA ILE B 74 -0.88 14.26 33.46
C ILE B 74 -1.02 13.30 32.29
N PRO B 75 -0.54 12.07 32.45
CA PRO B 75 -0.48 11.03 31.41
C PRO B 75 -1.78 10.84 30.65
N PHE B 76 -2.90 10.99 31.34
CA PHE B 76 -4.20 10.84 30.70
C PHE B 76 -4.50 12.03 29.80
N LEU B 77 -4.24 13.23 30.31
CA LEU B 77 -4.51 14.45 29.57
C LEU B 77 -3.55 14.60 28.39
N ARG B 78 -2.30 14.20 28.59
CA ARG B 78 -1.30 14.26 27.54
C ARG B 78 -1.68 13.34 26.37
N SER B 79 -2.13 12.13 26.70
CA SER B 79 -2.54 11.16 25.68
C SER B 79 -3.81 11.62 24.97
N LEU B 80 -4.69 12.29 25.71
CA LEU B 80 -5.96 12.75 25.17
C LEU B 80 -5.72 13.79 24.09
N ILE B 81 -4.87 14.77 24.38
CA ILE B 81 -4.57 15.85 23.45
C ILE B 81 -3.82 15.34 22.23
N MET B 82 -2.80 14.52 22.46
CA MET B 82 -1.98 14.02 21.37
C MET B 82 -2.78 13.11 20.44
N LYS B 83 -3.80 12.44 20.98
CA LYS B 83 -4.66 11.61 20.17
C LYS B 83 -5.44 12.45 19.16
N TYR B 84 -5.98 13.57 19.61
CA TYR B 84 -6.71 14.47 18.72
C TYR B 84 -5.81 15.00 17.61
N VAL B 85 -4.57 15.29 17.96
CA VAL B 85 -3.59 15.80 17.00
C VAL B 85 -3.32 14.79 15.89
N LEU B 86 -3.14 13.53 16.27
CA LEU B 86 -2.78 12.48 15.32
C LEU B 86 -3.94 12.01 14.46
N THR B 87 -5.16 12.43 14.80
CA THR B 87 -6.35 12.02 14.07
C THR B 87 -6.83 13.09 13.10
N SER B 88 -6.97 14.31 13.59
CA SER B 88 -7.52 15.41 12.81
C SER B 88 -6.60 15.84 11.66
N ARG B 89 -5.30 15.78 11.89
CA ARG B 89 -4.33 16.23 10.90
C ARG B 89 -4.31 15.37 9.62
N PRO B 90 -4.06 14.06 9.72
CA PRO B 90 -3.93 13.32 8.46
C PRO B 90 -5.26 13.10 7.74
N TYR B 91 -6.34 13.56 8.34
CA TYR B 91 -7.67 13.45 7.77
C TYR B 91 -7.78 14.27 6.49
N LEU B 92 -6.92 15.27 6.35
CA LEU B 92 -6.93 16.15 5.19
C LEU B 92 -6.21 15.53 3.99
N ILE B 93 -5.66 14.33 4.18
CA ILE B 93 -4.90 13.67 3.14
C ILE B 93 -5.69 12.52 2.50
N ASP B 94 -5.77 12.52 1.17
CA ASP B 94 -6.39 11.41 0.46
C ASP B 94 -5.55 10.15 0.63
N SER B 95 -6.14 9.12 1.22
CA SER B 95 -5.44 7.87 1.46
C SER B 95 -6.42 6.70 1.39
N PRO B 96 -6.35 5.88 0.33
CA PRO B 96 -5.43 5.82 -0.83
C PRO B 96 -5.32 7.09 -1.64
N PRO B 97 -4.13 7.35 -2.22
CA PRO B 97 -3.86 8.58 -2.95
C PRO B 97 -4.68 8.68 -4.23
N THR B 98 -4.81 9.89 -4.75
CA THR B 98 -5.65 10.12 -5.93
C THR B 98 -4.84 10.61 -7.13
N TYR B 99 -4.76 11.93 -7.28
CA TYR B 99 -4.21 12.52 -8.50
C TYR B 99 -2.69 12.55 -8.55
N ASN B 100 -2.14 12.77 -9.74
CA ASN B 100 -0.74 13.14 -9.90
C ASN B 100 -0.59 14.19 -11.00
N VAL B 101 0.65 14.43 -11.44
CA VAL B 101 0.92 15.50 -12.40
C VAL B 101 0.29 15.21 -13.77
N HIS B 102 0.05 13.94 -14.07
CA HIS B 102 -0.49 13.56 -15.37
C HIS B 102 -1.99 13.27 -15.32
N TYR B 103 -2.53 13.13 -14.11
CA TYR B 103 -3.93 12.75 -13.97
C TYR B 103 -4.69 13.66 -13.01
N GLY B 104 -5.49 14.56 -13.59
CA GLY B 104 -6.35 15.43 -12.82
C GLY B 104 -7.62 14.72 -12.43
N TYR B 105 -7.79 13.51 -12.95
CA TYR B 105 -8.90 12.64 -12.59
C TYR B 105 -8.33 11.36 -12.01
N LYS B 106 -9.11 10.68 -11.17
CA LYS B 106 -8.66 9.42 -10.57
C LYS B 106 -8.59 8.32 -11.62
N SER B 107 -7.51 7.56 -11.57
CA SER B 107 -7.30 6.45 -12.50
C SER B 107 -6.45 5.38 -11.85
N TRP B 108 -6.39 4.20 -12.47
CA TRP B 108 -5.60 3.13 -11.91
C TRP B 108 -4.12 3.39 -12.11
N GLU B 109 -3.78 4.12 -13.17
CA GLU B 109 -2.39 4.47 -13.43
C GLU B 109 -1.84 5.36 -12.33
N ALA B 110 -2.64 6.35 -11.92
CA ALA B 110 -2.24 7.27 -10.87
C ALA B 110 -2.05 6.54 -9.54
N PHE B 111 -3.00 5.67 -9.20
CA PHE B 111 -2.93 4.92 -7.96
C PHE B 111 -1.77 3.92 -7.91
N SER B 112 -1.61 3.14 -8.97
CA SER B 112 -0.71 2.00 -8.93
C SER B 112 0.75 2.32 -9.21
N ASN B 113 1.01 3.37 -9.99
CA ASN B 113 2.37 3.73 -10.37
C ASN B 113 3.10 4.49 -9.28
N LEU B 114 4.02 3.81 -8.61
CA LEU B 114 4.75 4.39 -7.49
C LEU B 114 5.85 5.37 -7.90
N SER B 115 6.10 5.48 -9.20
CA SER B 115 7.11 6.40 -9.70
C SER B 115 6.66 7.86 -9.63
N TYR B 116 5.36 8.06 -9.43
CA TYR B 116 4.78 9.39 -9.33
C TYR B 116 4.79 9.96 -7.91
N TYR B 117 5.03 11.25 -7.80
CA TYR B 117 4.60 11.98 -6.62
C TYR B 117 3.09 12.09 -6.74
N THR B 118 2.35 11.85 -5.67
CA THR B 118 0.91 12.07 -5.71
C THR B 118 0.65 13.56 -5.58
N ARG B 119 -0.62 13.96 -5.77
CA ARG B 119 -0.97 15.37 -5.76
C ARG B 119 -2.18 15.66 -4.88
N ALA B 120 -2.03 16.62 -3.99
CA ALA B 120 -3.10 17.01 -3.07
C ALA B 120 -4.17 17.79 -3.83
N LEU B 121 -3.75 18.47 -4.89
CA LEU B 121 -4.67 19.11 -5.84
C LEU B 121 -4.29 18.69 -7.26
N PRO B 122 -5.30 18.45 -8.10
CA PRO B 122 -5.04 18.08 -9.50
C PRO B 122 -4.41 19.24 -10.28
N PRO B 123 -3.62 18.93 -11.31
CA PRO B 123 -3.00 19.98 -12.12
C PRO B 123 -4.00 20.78 -12.94
N VAL B 124 -3.69 22.04 -13.18
CA VAL B 124 -4.46 22.88 -14.09
C VAL B 124 -4.39 22.27 -15.49
N ALA B 125 -5.52 22.23 -16.18
CA ALA B 125 -5.59 21.62 -17.51
C ALA B 125 -4.69 22.35 -18.51
N ASP B 126 -4.25 21.62 -19.52
CA ASP B 126 -3.28 22.15 -20.50
C ASP B 126 -3.87 23.25 -21.36
N ASP B 127 -5.16 23.16 -21.66
CA ASP B 127 -5.79 24.08 -22.61
C ASP B 127 -6.40 25.31 -21.93
N CYS B 128 -6.13 25.48 -20.64
CA CYS B 128 -6.63 26.64 -19.91
C CYS B 128 -6.04 27.93 -20.48
N PRO B 129 -6.85 29.00 -20.54
CA PRO B 129 -6.44 30.29 -21.09
C PRO B 129 -5.33 30.96 -20.28
N THR B 130 -5.41 30.89 -18.95
CA THR B 130 -4.37 31.43 -18.10
C THR B 130 -3.69 30.31 -17.32
N PRO B 131 -2.41 30.48 -16.97
CA PRO B 131 -1.63 29.42 -16.30
C PRO B 131 -2.27 28.89 -15.03
N MET B 132 -3.05 29.71 -14.35
CA MET B 132 -3.69 29.31 -13.10
C MET B 132 -5.13 28.86 -13.29
N GLY B 133 -5.64 29.00 -14.51
CA GLY B 133 -7.01 28.62 -14.80
C GLY B 133 -7.70 29.59 -15.73
N VAL B 134 -8.34 30.60 -15.15
CA VAL B 134 -9.01 31.64 -15.93
C VAL B 134 -8.63 33.03 -15.42
N LYS B 135 -8.14 33.10 -14.19
CA LYS B 135 -7.76 34.37 -13.58
C LYS B 135 -6.31 34.73 -13.88
N GLY B 136 -5.97 36.01 -13.74
CA GLY B 136 -4.63 36.48 -13.99
C GLY B 136 -4.37 36.76 -15.45
N ASN B 137 -3.12 37.10 -15.78
CA ASN B 137 -2.75 37.40 -17.15
C ASN B 137 -2.47 36.14 -17.96
N LYS B 138 -2.09 36.32 -19.22
CA LYS B 138 -1.81 35.21 -20.12
C LYS B 138 -0.59 34.42 -19.64
N GLU B 139 0.33 35.11 -18.97
CA GLU B 139 1.53 34.47 -18.45
C GLU B 139 1.81 34.88 -17.02
N LEU B 140 2.41 33.97 -16.25
CA LEU B 140 2.87 34.28 -14.90
C LEU B 140 4.10 35.19 -14.99
N PRO B 141 4.32 36.01 -13.95
CA PRO B 141 5.50 36.87 -13.92
C PRO B 141 6.80 36.08 -14.00
N ASP B 142 7.85 36.69 -14.54
CA ASP B 142 9.17 36.07 -14.60
C ASP B 142 9.58 35.57 -13.23
N SER B 143 9.97 34.30 -13.15
CA SER B 143 10.37 33.70 -11.88
C SER B 143 11.61 34.40 -11.33
N LYS B 144 12.45 34.91 -12.22
CA LYS B 144 13.64 35.64 -11.85
C LYS B 144 13.29 36.93 -11.12
N GLU B 145 12.27 37.64 -11.61
CA GLU B 145 11.82 38.88 -10.99
C GLU B 145 11.21 38.61 -9.62
N VAL B 146 10.37 37.59 -9.53
CA VAL B 146 9.77 37.18 -8.26
C VAL B 146 10.88 36.81 -7.29
N LEU B 147 11.88 36.10 -7.80
CA LEU B 147 13.04 35.66 -7.03
C LEU B 147 13.79 36.86 -6.44
N GLU B 148 14.18 37.78 -7.30
CA GLU B 148 15.07 38.87 -6.90
C GLU B 148 14.38 39.91 -6.03
N LYS B 149 13.08 40.10 -6.24
CA LYS B 149 12.37 41.17 -5.54
C LYS B 149 11.92 40.82 -4.12
N VAL B 150 11.51 39.57 -3.89
CA VAL B 150 10.97 39.23 -2.57
C VAL B 150 11.54 37.95 -1.96
N LEU B 151 12.48 37.29 -2.63
CA LEU B 151 13.00 36.04 -2.11
C LEU B 151 14.47 36.09 -1.70
N LEU B 152 15.31 36.69 -2.55
CA LEU B 152 16.75 36.72 -2.31
C LEU B 152 17.11 37.46 -1.03
N ARG B 153 18.19 37.02 -0.38
CA ARG B 153 18.57 37.52 0.92
C ARG B 153 19.48 38.74 0.86
N ARG B 154 19.07 39.80 1.56
CA ARG B 154 19.94 40.96 1.76
C ARG B 154 20.74 40.77 3.04
N GLU B 155 20.23 41.32 4.14
CA GLU B 155 20.79 41.02 5.45
C GLU B 155 20.28 39.65 5.90
N PHE B 156 21.19 38.83 6.44
CA PHE B 156 20.80 37.52 6.96
C PHE B 156 19.78 37.68 8.08
N ILE B 157 18.66 37.01 7.95
CA ILE B 157 17.60 37.08 8.95
C ILE B 157 17.54 35.78 9.75
N PRO B 158 18.06 35.80 10.98
CA PRO B 158 18.13 34.61 11.83
C PRO B 158 16.75 34.17 12.29
N ASP B 159 16.60 32.86 12.54
CA ASP B 159 15.33 32.32 13.00
C ASP B 159 15.07 32.70 14.45
N PRO B 160 13.97 33.42 14.71
CA PRO B 160 13.61 33.82 16.07
C PRO B 160 13.30 32.63 16.98
N GLN B 161 12.92 31.50 16.41
CA GLN B 161 12.63 30.32 17.21
C GLN B 161 13.91 29.65 17.70
N GLY B 162 15.03 30.01 17.08
CA GLY B 162 16.33 29.57 17.53
C GLY B 162 16.86 28.29 16.88
N SER B 163 16.27 27.90 15.76
CA SER B 163 16.70 26.70 15.04
C SER B 163 18.17 26.80 14.66
N ASN B 164 18.91 25.72 14.88
CA ASN B 164 20.33 25.71 14.57
C ASN B 164 20.67 24.89 13.34
N MET B 165 21.96 24.65 13.11
CA MET B 165 22.40 23.89 11.95
C MET B 165 22.17 22.40 12.12
N MET B 166 22.05 21.95 13.36
CA MET B 166 21.69 20.56 13.62
C MET B 166 20.29 20.30 13.11
N PHE B 167 19.40 21.27 13.30
CA PHE B 167 18.03 21.19 12.81
C PHE B 167 18.00 21.22 11.29
N ALA B 168 18.68 22.19 10.70
CA ALA B 168 18.66 22.38 9.25
C ALA B 168 19.22 21.18 8.51
N PHE B 169 20.30 20.61 9.02
CA PHE B 169 20.90 19.46 8.36
C PHE B 169 20.12 18.17 8.64
N PHE B 170 19.49 18.10 9.81
CA PHE B 170 18.62 16.97 10.12
C PHE B 170 17.44 16.95 9.16
N ALA B 171 16.82 18.11 8.99
CA ALA B 171 15.69 18.27 8.08
C ALA B 171 16.07 17.81 6.68
N GLN B 172 17.23 18.25 6.21
CA GLN B 172 17.69 17.91 4.87
C GLN B 172 18.02 16.42 4.77
N HIS B 173 18.60 15.86 5.83
CA HIS B 173 18.96 14.45 5.84
C HIS B 173 17.73 13.56 5.95
N PHE B 174 16.81 13.93 6.82
CA PHE B 174 15.60 13.15 7.05
C PHE B 174 14.67 13.15 5.84
N THR B 175 14.42 14.32 5.26
CA THR B 175 13.43 14.42 4.18
C THR B 175 13.94 13.86 2.85
N HIS B 176 15.26 13.75 2.70
CA HIS B 176 15.82 13.30 1.44
C HIS B 176 15.85 11.78 1.33
N GLN B 177 15.08 11.10 2.18
CA GLN B 177 14.86 9.68 2.01
C GLN B 177 13.55 9.44 1.27
N PHE B 178 12.66 10.44 1.29
CA PHE B 178 11.41 10.34 0.53
C PHE B 178 11.23 11.49 -0.46
N PHE B 179 12.17 12.43 -0.50
CA PHE B 179 12.21 13.43 -1.55
C PHE B 179 13.38 13.17 -2.47
N LYS B 180 13.17 12.32 -3.47
CA LYS B 180 14.23 11.92 -4.39
C LYS B 180 13.76 12.02 -5.84
N THR B 181 13.58 13.25 -6.30
CA THR B 181 13.02 13.53 -7.62
C THR B 181 13.76 12.81 -8.76
N ASP B 182 12.99 12.07 -9.55
CA ASP B 182 13.51 11.35 -10.71
C ASP B 182 13.60 12.29 -11.91
N HIS B 183 14.68 13.05 -11.98
CA HIS B 183 14.81 14.09 -12.99
C HIS B 183 14.96 13.56 -14.41
N LYS B 184 15.25 12.27 -14.54
CA LYS B 184 15.26 11.63 -15.85
C LYS B 184 13.85 11.59 -16.43
N ARG B 185 12.86 11.56 -15.54
CA ARG B 185 11.46 11.55 -15.95
C ARG B 185 10.83 12.94 -15.85
N GLY B 186 11.15 13.66 -14.78
CA GLY B 186 10.60 14.98 -14.56
C GLY B 186 10.44 15.30 -13.09
N PRO B 187 10.06 16.55 -12.77
CA PRO B 187 9.93 17.00 -11.39
C PRO B 187 8.80 16.30 -10.63
N GLY B 188 7.83 15.77 -11.35
CA GLY B 188 6.69 15.10 -10.74
C GLY B 188 6.90 13.62 -10.49
N PHE B 189 8.15 13.18 -10.61
CA PHE B 189 8.49 11.78 -10.42
C PHE B 189 9.49 11.59 -9.28
N THR B 190 9.39 10.45 -8.60
CA THR B 190 10.28 10.16 -7.48
C THR B 190 11.06 8.87 -7.69
N ARG B 191 12.22 8.79 -7.04
CA ARG B 191 13.03 7.57 -7.05
C ARG B 191 12.79 6.77 -5.78
N GLY B 192 12.10 7.37 -4.82
CA GLY B 192 11.82 6.72 -3.55
C GLY B 192 10.47 6.03 -3.53
N LEU B 193 10.45 4.78 -4.01
CA LEU B 193 9.21 4.05 -4.19
C LEU B 193 8.59 3.60 -2.87
N GLY B 194 9.36 3.73 -1.79
CA GLY B 194 8.87 3.39 -0.47
C GLY B 194 7.91 4.43 0.04
N HIS B 195 8.01 5.64 -0.52
CA HIS B 195 7.11 6.75 -0.19
C HIS B 195 6.93 6.99 1.30
N GLY B 196 8.04 7.00 2.04
CA GLY B 196 7.97 7.26 3.47
C GLY B 196 9.27 7.03 4.20
N VAL B 197 9.16 6.76 5.50
CA VAL B 197 10.32 6.58 6.36
C VAL B 197 10.77 5.12 6.37
N ASP B 198 11.53 4.74 5.34
CA ASP B 198 12.07 3.38 5.27
C ASP B 198 13.56 3.38 5.51
N LEU B 199 14.12 4.58 5.73
CA LEU B 199 15.55 4.77 5.94
C LEU B 199 16.39 4.25 4.77
N ASN B 200 15.90 4.44 3.55
CA ASN B 200 16.65 4.04 2.37
C ASN B 200 17.85 4.93 2.12
N HIS B 201 17.85 6.11 2.75
CA HIS B 201 19.00 7.01 2.66
C HIS B 201 20.17 6.49 3.49
N ILE B 202 19.93 5.41 4.22
CA ILE B 202 20.98 4.76 4.99
C ILE B 202 21.28 3.37 4.40
N TYR B 203 20.22 2.63 4.09
CA TYR B 203 20.35 1.24 3.67
C TYR B 203 20.34 1.05 2.16
N GLY B 204 19.87 2.06 1.43
CA GLY B 204 19.81 1.97 -0.02
C GLY B 204 18.42 1.64 -0.52
N GLU B 205 18.11 2.11 -1.72
CA GLU B 205 16.79 1.93 -2.30
C GLU B 205 16.57 0.50 -2.80
N THR B 206 17.54 -0.03 -3.53
CA THR B 206 17.43 -1.37 -4.08
C THR B 206 18.17 -2.39 -3.21
N LEU B 207 17.86 -3.66 -3.41
CA LEU B 207 18.45 -4.74 -2.62
C LEU B 207 19.92 -4.94 -2.98
N ASP B 208 20.28 -4.66 -4.23
CA ASP B 208 21.66 -4.76 -4.67
C ASP B 208 22.53 -3.74 -3.93
N ARG B 209 22.03 -2.52 -3.83
CA ARG B 209 22.74 -1.45 -3.14
C ARG B 209 22.92 -1.79 -1.67
N GLN B 210 21.86 -2.26 -1.03
CA GLN B 210 21.90 -2.64 0.37
C GLN B 210 22.96 -3.70 0.64
N HIS B 211 23.03 -4.69 -0.24
CA HIS B 211 23.94 -5.81 -0.05
C HIS B 211 25.40 -5.41 -0.27
N LYS B 212 25.63 -4.37 -1.05
CA LYS B 212 26.98 -3.84 -1.25
C LYS B 212 27.43 -3.05 -0.02
N LEU B 213 26.47 -2.50 0.70
CA LEU B 213 26.74 -1.67 1.87
C LEU B 213 26.86 -2.52 3.14
N ARG B 214 26.38 -3.75 3.08
CA ARG B 214 26.35 -4.61 4.25
C ARG B 214 27.63 -5.42 4.42
N LEU B 215 27.95 -5.74 5.68
CA LEU B 215 29.14 -6.49 6.01
C LEU B 215 28.84 -7.98 6.07
N PHE B 216 27.57 -8.30 6.27
CA PHE B 216 27.08 -9.68 6.36
C PHE B 216 27.74 -10.43 7.53
N LYS B 217 28.14 -9.67 8.54
CA LYS B 217 28.58 -10.22 9.80
C LYS B 217 27.92 -9.44 10.93
N ASP B 218 27.22 -10.15 11.81
CA ASP B 218 26.53 -9.55 12.96
C ASP B 218 25.46 -8.54 12.56
N GLY B 219 25.05 -8.56 11.30
CA GLY B 219 23.99 -7.68 10.83
C GLY B 219 24.42 -6.25 10.60
N LYS B 220 25.73 -6.03 10.55
CA LYS B 220 26.25 -4.67 10.49
C LYS B 220 26.45 -4.15 9.06
N LEU B 221 26.72 -2.86 8.98
CA LEU B 221 27.05 -2.21 7.71
C LEU B 221 28.56 -2.10 7.57
N LYS B 222 29.04 -2.13 6.34
CA LYS B 222 30.47 -1.90 6.08
C LYS B 222 30.89 -0.54 6.60
N TYR B 223 32.15 -0.41 6.96
CA TYR B 223 32.68 0.84 7.48
C TYR B 223 34.20 0.83 7.40
N GLN B 224 34.79 2.01 7.54
CA GLN B 224 36.24 2.11 7.65
C GLN B 224 36.58 2.82 8.95
N VAL B 225 37.78 2.55 9.47
CA VAL B 225 38.23 3.23 10.68
C VAL B 225 39.39 4.17 10.36
N ILE B 226 39.12 5.46 10.43
CA ILE B 226 40.12 6.48 10.15
C ILE B 226 40.47 7.26 11.41
N GLY B 227 41.68 7.06 11.90
CA GLY B 227 42.14 7.73 13.11
C GLY B 227 41.34 7.32 14.32
N GLY B 228 40.91 6.07 14.35
CA GLY B 228 40.15 5.53 15.46
C GLY B 228 38.67 5.87 15.37
N GLU B 229 38.29 6.53 14.28
CA GLU B 229 36.91 6.96 14.09
C GLU B 229 36.22 6.19 12.98
N VAL B 230 35.07 5.60 13.31
CA VAL B 230 34.29 4.85 12.34
C VAL B 230 33.60 5.76 11.34
N TYR B 231 33.88 5.54 10.06
CA TYR B 231 33.28 6.32 8.99
C TYR B 231 32.69 5.38 7.94
N PRO B 232 31.81 5.92 7.07
CA PRO B 232 31.28 5.11 5.97
C PRO B 232 32.38 4.55 5.07
N PRO B 233 32.11 3.44 4.38
CA PRO B 233 33.07 2.87 3.44
C PRO B 233 33.20 3.72 2.19
N THR B 234 34.12 3.37 1.29
CA THR B 234 34.33 4.14 0.08
C THR B 234 33.62 3.54 -1.13
N VAL B 235 33.53 4.31 -2.20
CA VAL B 235 32.94 3.84 -3.45
C VAL B 235 33.79 2.73 -4.04
N LYS B 236 35.11 2.86 -3.94
CA LYS B 236 36.04 1.86 -4.45
C LYS B 236 35.89 0.53 -3.73
N ASP B 237 35.52 0.60 -2.44
CA ASP B 237 35.43 -0.59 -1.61
C ASP B 237 34.11 -1.33 -1.76
N THR B 238 33.04 -0.58 -1.97
CA THR B 238 31.70 -1.17 -2.01
C THR B 238 31.15 -1.30 -3.42
N GLN B 239 31.71 -0.53 -4.34
CA GLN B 239 31.19 -0.40 -5.71
C GLN B 239 29.76 0.13 -5.68
N VAL B 240 29.47 0.94 -4.67
CA VAL B 240 28.21 1.66 -4.57
C VAL B 240 28.34 3.00 -5.29
N GLU B 241 27.48 3.24 -6.27
CA GLU B 241 27.53 4.46 -7.04
C GLU B 241 27.11 5.68 -6.22
N MET B 242 27.98 6.68 -6.20
CA MET B 242 27.71 7.93 -5.50
C MET B 242 27.92 9.10 -6.45
N ILE B 243 27.20 10.20 -6.20
CA ILE B 243 27.36 11.39 -7.03
C ILE B 243 28.45 12.29 -6.47
N TYR B 244 29.60 12.28 -7.15
CA TYR B 244 30.71 13.15 -6.80
C TYR B 244 31.27 13.82 -8.04
N PRO B 245 31.72 15.08 -7.91
CA PRO B 245 32.50 15.70 -8.98
C PRO B 245 33.77 14.90 -9.26
N PRO B 246 34.21 14.84 -10.52
CA PRO B 246 35.34 14.00 -10.93
C PRO B 246 36.65 14.32 -10.20
N HIS B 247 36.77 15.52 -9.65
CA HIS B 247 38.00 15.93 -8.99
C HIS B 247 38.08 15.43 -7.55
N ILE B 248 36.99 14.83 -7.07
CA ILE B 248 36.96 14.31 -5.71
C ILE B 248 37.79 13.03 -5.60
N PRO B 249 38.79 13.05 -4.69
CA PRO B 249 39.68 11.92 -4.42
C PRO B 249 38.93 10.65 -4.04
N GLU B 250 39.49 9.49 -4.38
CA GLU B 250 38.83 8.21 -4.15
C GLU B 250 38.55 7.92 -2.68
N ASN B 251 39.46 8.33 -1.82
CA ASN B 251 39.35 8.04 -0.39
C ASN B 251 38.24 8.84 0.30
N LEU B 252 37.89 9.99 -0.27
CA LEU B 252 36.89 10.86 0.33
C LEU B 252 35.51 10.62 -0.29
N GLN B 253 35.40 9.60 -1.13
CA GLN B 253 34.13 9.23 -1.73
C GLN B 253 33.41 8.20 -0.88
N PHE B 254 32.85 8.65 0.24
CA PHE B 254 32.12 7.76 1.13
C PHE B 254 30.89 7.19 0.46
N ALA B 255 30.60 5.94 0.75
CA ALA B 255 29.40 5.29 0.22
C ALA B 255 28.31 5.19 1.28
N VAL B 256 27.17 5.81 1.00
CA VAL B 256 26.02 5.75 1.90
C VAL B 256 24.77 5.43 1.11
N GLY B 257 23.65 5.24 1.81
CA GLY B 257 22.40 4.86 1.19
C GLY B 257 21.92 5.83 0.13
N GLN B 258 22.06 7.13 0.39
CA GLN B 258 21.66 8.16 -0.55
C GLN B 258 22.83 8.56 -1.46
N GLU B 259 22.57 8.61 -2.76
CA GLU B 259 23.62 8.84 -3.75
CA GLU B 259 23.63 8.84 -3.74
C GLU B 259 24.13 10.28 -3.75
N VAL B 260 23.45 11.17 -3.02
CA VAL B 260 23.83 12.59 -3.05
C VAL B 260 24.40 13.12 -1.74
N PHE B 261 24.44 12.29 -0.70
CA PHE B 261 24.85 12.77 0.61
C PHE B 261 26.34 13.12 0.68
N GLY B 262 27.09 12.77 -0.35
CA GLY B 262 28.50 13.10 -0.40
C GLY B 262 28.77 14.55 -0.71
N LEU B 263 27.77 15.25 -1.20
CA LEU B 263 27.95 16.61 -1.67
C LEU B 263 27.89 17.65 -0.55
N VAL B 264 27.33 17.28 0.59
CA VAL B 264 27.25 18.18 1.73
C VAL B 264 27.76 17.51 3.00
N PRO B 265 28.79 18.10 3.63
CA PRO B 265 29.39 17.57 4.86
C PRO B 265 28.40 17.43 6.02
N GLY B 266 27.41 18.30 6.08
CA GLY B 266 26.40 18.23 7.11
C GLY B 266 25.57 16.96 7.00
N LEU B 267 25.30 16.55 5.77
CA LEU B 267 24.56 15.32 5.50
C LEU B 267 25.40 14.10 5.84
N MET B 268 26.69 14.20 5.52
CA MET B 268 27.62 13.09 5.74
C MET B 268 27.86 12.88 7.24
N MET B 269 27.70 13.95 8.01
CA MET B 269 27.80 13.86 9.47
C MET B 269 26.70 12.95 10.01
N TYR B 270 25.47 13.20 9.60
CA TYR B 270 24.34 12.38 10.03
C TYR B 270 24.42 10.97 9.47
N ALA B 271 24.92 10.84 8.23
CA ALA B 271 25.08 9.54 7.60
C ALA B 271 26.05 8.67 8.40
N THR B 272 27.08 9.31 8.95
CA THR B 272 28.05 8.61 9.78
C THR B 272 27.46 8.27 11.14
N ILE B 273 26.68 9.20 11.70
CA ILE B 273 26.04 8.98 13.00
C ILE B 273 25.04 7.84 12.95
N TRP B 274 24.20 7.82 11.91
CA TRP B 274 23.19 6.78 11.76
C TRP B 274 23.82 5.42 11.44
N LEU B 275 24.94 5.42 10.72
CA LEU B 275 25.64 4.19 10.43
C LEU B 275 26.21 3.61 11.71
N ARG B 276 26.71 4.48 12.58
CA ARG B 276 27.22 4.06 13.87
C ARG B 276 26.11 3.53 14.75
N GLU B 277 24.93 4.15 14.64
CA GLU B 277 23.79 3.76 15.45
C GLU B 277 23.27 2.38 15.06
N HIS B 278 23.28 2.10 13.77
CA HIS B 278 22.86 0.79 13.28
C HIS B 278 23.75 -0.30 13.87
N ASN B 279 25.05 -0.10 13.83
CA ASN B 279 26.01 -1.07 14.31
C ASN B 279 26.01 -1.16 15.84
N ARG B 280 25.62 -0.08 16.49
CA ARG B 280 25.48 -0.08 17.94
C ARG B 280 24.31 -0.95 18.36
N VAL B 281 23.22 -0.89 17.60
CA VAL B 281 22.03 -1.67 17.89
C VAL B 281 22.28 -3.15 17.60
N CYS B 282 23.12 -3.43 16.61
CA CYS B 282 23.51 -4.81 16.30
C CYS B 282 24.25 -5.44 17.48
N ASP B 283 25.12 -4.66 18.11
CA ASP B 283 25.87 -5.13 19.28
C ASP B 283 24.92 -5.46 20.43
N ILE B 284 23.93 -4.61 20.62
CA ILE B 284 22.96 -4.80 21.69
C ILE B 284 22.10 -6.04 21.45
N LEU B 285 21.63 -6.20 20.21
CA LEU B 285 20.78 -7.34 19.87
C LEU B 285 21.55 -8.65 19.93
N LYS B 286 22.84 -8.61 19.65
CA LYS B 286 23.64 -9.84 19.60
C LYS B 286 23.79 -10.50 20.97
N GLN B 287 23.90 -9.69 22.02
CA GLN B 287 24.03 -10.26 23.36
C GLN B 287 22.67 -10.47 24.01
N GLU B 288 21.61 -10.07 23.30
CA GLU B 288 20.26 -10.45 23.67
C GLU B 288 19.90 -11.74 22.95
N HIS B 289 20.38 -11.85 21.72
CA HIS B 289 20.11 -13.01 20.89
C HIS B 289 21.40 -13.56 20.28
N PRO B 290 22.19 -14.29 21.08
CA PRO B 290 23.42 -14.90 20.57
C PRO B 290 23.14 -16.00 19.56
N GLU B 291 21.88 -16.43 19.46
CA GLU B 291 21.51 -17.48 18.52
C GLU B 291 21.15 -16.91 17.16
N TRP B 292 20.89 -15.62 17.11
CA TRP B 292 20.47 -14.98 15.86
C TRP B 292 21.58 -14.93 14.82
N GLY B 293 21.19 -15.08 13.56
CA GLY B 293 22.13 -14.99 12.46
C GLY B 293 22.32 -13.55 12.03
N ASP B 294 23.11 -13.35 10.97
CA ASP B 294 23.42 -12.02 10.48
C ASP B 294 22.20 -11.30 9.91
N GLU B 295 21.39 -12.04 9.15
CA GLU B 295 20.24 -11.45 8.46
C GLU B 295 19.21 -10.87 9.43
N GLN B 296 18.84 -11.63 10.45
CA GLN B 296 17.83 -11.18 11.40
C GLN B 296 18.34 -10.00 12.22
N LEU B 297 19.63 -10.00 12.54
CA LEU B 297 20.23 -8.90 13.29
C LEU B 297 20.15 -7.61 12.48
N PHE B 298 20.43 -7.70 11.19
CA PHE B 298 20.34 -6.53 10.33
C PHE B 298 18.91 -6.03 10.21
N GLN B 299 17.98 -6.94 9.92
CA GLN B 299 16.60 -6.58 9.68
C GLN B 299 15.93 -5.97 10.91
N THR B 300 16.21 -6.56 12.07
CA THR B 300 15.64 -6.07 13.33
C THR B 300 16.22 -4.70 13.68
N SER B 301 17.50 -4.52 13.39
CA SER B 301 18.16 -3.23 13.63
C SER B 301 17.55 -2.13 12.76
N ARG B 302 17.16 -2.49 11.54
CA ARG B 302 16.54 -1.53 10.63
C ARG B 302 15.20 -1.06 11.15
N LEU B 303 14.41 -1.98 11.68
CA LEU B 303 13.09 -1.64 12.22
C LEU B 303 13.20 -0.74 13.44
N ILE B 304 14.19 -1.02 14.29
CA ILE B 304 14.41 -0.23 15.48
C ILE B 304 14.83 1.19 15.11
N LEU B 305 15.73 1.30 14.14
CA LEU B 305 16.19 2.61 13.68
C LEU B 305 15.07 3.40 13.01
N ILE B 306 14.20 2.69 12.28
CA ILE B 306 13.03 3.30 11.69
C ILE B 306 12.14 3.87 12.80
N GLY B 307 11.97 3.08 13.87
CA GLY B 307 11.25 3.52 15.04
C GLY B 307 11.96 4.64 15.78
N GLU B 308 13.28 4.56 15.85
CA GLU B 308 14.08 5.61 16.45
C GLU B 308 13.87 6.93 15.72
N THR B 309 13.88 6.86 14.39
CA THR B 309 13.73 8.03 13.55
C THR B 309 12.41 8.73 13.79
N ILE B 310 11.32 7.98 13.71
CA ILE B 310 9.99 8.52 13.93
C ILE B 310 9.87 9.11 15.34
N LYS B 311 10.50 8.44 16.30
CA LYS B 311 10.50 8.90 17.68
C LYS B 311 11.16 10.28 17.80
N ILE B 312 12.32 10.43 17.17
CA ILE B 312 13.08 11.67 17.20
C ILE B 312 12.38 12.78 16.41
N VAL B 313 11.84 12.42 15.25
CA VAL B 313 11.18 13.39 14.37
C VAL B 313 9.99 14.06 15.06
N ILE B 314 9.23 13.29 15.83
CA ILE B 314 8.04 13.83 16.48
C ILE B 314 8.36 14.57 17.78
N GLU B 315 9.09 13.92 18.68
CA GLU B 315 9.28 14.47 20.02
C GLU B 315 10.42 15.47 20.14
N ASP B 316 11.27 15.54 19.11
CA ASP B 316 12.36 16.52 19.09
C ASP B 316 12.22 17.49 17.94
N TYR B 317 12.24 16.94 16.72
CA TYR B 317 12.21 17.73 15.50
C TYR B 317 10.91 18.52 15.33
N VAL B 318 9.78 17.82 15.34
CA VAL B 318 8.49 18.49 15.20
C VAL B 318 8.13 19.29 16.46
N GLN B 319 8.55 18.79 17.62
CA GLN B 319 8.32 19.50 18.87
C GLN B 319 8.94 20.90 18.82
N HIS B 320 10.13 20.99 18.28
CA HIS B 320 10.87 22.25 18.22
C HIS B 320 10.27 23.25 17.23
N LEU B 321 10.00 22.80 16.02
CA LEU B 321 9.60 23.70 14.95
C LEU B 321 8.15 24.17 15.12
N SER B 322 7.39 23.46 15.95
CA SER B 322 6.00 23.83 16.22
C SER B 322 5.95 24.99 17.23
N GLY B 323 6.82 24.94 18.21
CA GLY B 323 6.89 25.97 19.23
C GLY B 323 5.88 25.77 20.35
N TYR B 324 5.14 24.68 20.29
CA TYR B 324 4.10 24.40 21.29
C TYR B 324 4.72 24.13 22.65
N HIS B 325 4.03 24.59 23.70
CA HIS B 325 4.45 24.28 25.06
C HIS B 325 4.00 22.88 25.42
N PHE B 326 3.01 22.38 24.68
CA PHE B 326 2.54 21.01 24.85
C PHE B 326 3.63 20.02 24.44
N LYS B 327 3.73 18.93 25.18
CA LYS B 327 4.78 17.93 24.95
C LYS B 327 4.27 16.80 24.06
N LEU B 328 4.66 16.85 22.79
CA LEU B 328 4.25 15.83 21.82
C LEU B 328 4.74 14.45 22.23
N LYS B 329 4.00 13.42 21.83
CA LYS B 329 4.29 12.05 22.23
C LYS B 329 4.16 11.10 21.05
N PHE B 330 5.12 10.19 20.90
CA PHE B 330 5.04 9.18 19.85
C PHE B 330 4.48 7.90 20.45
N ASP B 331 3.20 7.67 20.22
CA ASP B 331 2.52 6.49 20.75
C ASP B 331 1.47 5.97 19.77
N PRO B 332 1.84 4.98 18.95
CA PRO B 332 0.96 4.36 17.95
C PRO B 332 -0.34 3.83 18.54
N GLU B 333 -0.34 3.53 19.84
CA GLU B 333 -1.51 2.95 20.50
C GLU B 333 -2.69 3.92 20.53
N LEU B 334 -2.40 5.21 20.38
CA LEU B 334 -3.45 6.22 20.39
C LEU B 334 -4.35 6.09 19.16
N LEU B 335 -3.80 5.53 18.09
CA LEU B 335 -4.55 5.40 16.84
C LEU B 335 -5.26 4.06 16.68
N PHE B 336 -5.05 3.15 17.62
CA PHE B 336 -5.59 1.80 17.49
C PHE B 336 -7.11 1.74 17.57
N ASN B 337 -7.72 2.72 18.23
CA ASN B 337 -9.18 2.75 18.34
C ASN B 337 -9.79 3.79 17.42
N GLN B 338 -8.98 4.31 16.50
CA GLN B 338 -9.44 5.30 15.53
C GLN B 338 -9.33 4.78 14.11
N GLN B 339 -10.10 5.38 13.20
CA GLN B 339 -9.99 5.05 11.79
C GLN B 339 -8.75 5.70 11.20
N PHE B 340 -7.86 4.89 10.65
CA PHE B 340 -6.60 5.38 10.13
C PHE B 340 -6.00 4.40 9.13
N GLN B 341 -5.51 4.93 8.00
CA GLN B 341 -4.88 4.09 7.00
C GLN B 341 -3.37 4.04 7.20
N TYR B 342 -2.85 2.86 7.46
CA TYR B 342 -1.41 2.68 7.66
C TYR B 342 -0.70 2.52 6.32
N GLN B 343 -0.73 3.61 5.55
CA GLN B 343 -0.05 3.66 4.26
C GLN B 343 0.25 5.11 3.95
N ASN B 344 1.08 5.36 2.95
CA ASN B 344 1.42 6.73 2.61
C ASN B 344 1.91 6.87 1.17
N ARG B 345 1.62 8.02 0.58
CA ARG B 345 2.11 8.35 -0.75
C ARG B 345 2.59 9.80 -0.74
N ILE B 346 3.87 10.01 -1.05
CA ILE B 346 4.47 11.33 -0.97
C ILE B 346 3.88 12.30 -1.99
N ALA B 347 3.39 13.42 -1.50
CA ALA B 347 2.77 14.42 -2.37
C ALA B 347 3.81 15.39 -2.92
N SER B 348 3.65 15.75 -4.19
CA SER B 348 4.52 16.73 -4.82
C SER B 348 4.53 18.04 -4.04
N GLU B 349 3.35 18.44 -3.55
CA GLU B 349 3.22 19.69 -2.80
C GLU B 349 3.94 19.63 -1.46
N PHE B 350 3.99 18.44 -0.86
CA PHE B 350 4.74 18.24 0.37
C PHE B 350 6.22 18.52 0.11
N ASN B 351 6.69 18.08 -1.05
CA ASN B 351 8.07 18.29 -1.46
C ASN B 351 8.37 19.78 -1.67
N THR B 352 7.47 20.47 -2.37
CA THR B 352 7.67 21.87 -2.72
C THR B 352 7.70 22.78 -1.49
N LEU B 353 6.84 22.49 -0.50
CA LEU B 353 6.78 23.31 0.70
C LEU B 353 7.95 23.05 1.63
N TYR B 354 8.71 21.99 1.37
CA TYR B 354 9.81 21.62 2.24
C TYR B 354 11.14 22.15 1.73
N HIS B 355 11.10 22.87 0.61
CA HIS B 355 12.29 23.49 0.06
C HIS B 355 12.68 24.69 0.93
N TRP B 356 13.23 24.40 2.11
CA TRP B 356 13.54 25.44 3.10
C TRP B 356 14.92 26.05 2.87
N HIS B 357 15.12 26.63 1.69
CA HIS B 357 16.37 27.30 1.36
C HIS B 357 16.75 28.48 2.27
N PRO B 358 15.76 29.27 2.74
CA PRO B 358 16.16 30.35 3.65
C PRO B 358 16.78 29.87 4.98
N LEU B 359 16.65 28.58 5.26
CA LEU B 359 17.22 28.00 6.47
C LEU B 359 18.74 28.10 6.47
N LEU B 360 19.32 28.07 5.27
CA LEU B 360 20.77 28.06 5.11
C LEU B 360 21.44 29.38 5.49
N PRO B 361 22.58 29.29 6.19
CA PRO B 361 23.39 30.45 6.57
C PRO B 361 24.25 30.93 5.40
N ASP B 362 24.97 32.03 5.60
CA ASP B 362 25.83 32.56 4.54
C ASP B 362 27.16 31.82 4.52
N THR B 363 27.66 31.48 5.71
CA THR B 363 28.84 30.66 5.84
C THR B 363 28.61 29.58 6.88
N PHE B 364 29.34 28.47 6.78
CA PHE B 364 29.20 27.39 7.74
C PHE B 364 30.32 27.44 8.77
N ASN B 365 29.97 27.86 9.98
CA ASN B 365 30.96 28.12 11.02
C ASN B 365 31.26 26.89 11.86
N ILE B 366 32.47 26.34 11.69
CA ILE B 366 32.89 25.16 12.43
C ILE B 366 34.17 25.45 13.21
N GLU B 367 34.11 25.25 14.53
CA GLU B 367 35.22 25.49 15.43
C GLU B 367 35.67 26.95 15.35
N ASP B 368 36.59 27.25 14.43
CA ASP B 368 37.07 28.62 14.27
C ASP B 368 37.10 29.06 12.81
N GLN B 369 36.53 28.24 11.94
CA GLN B 369 36.51 28.55 10.52
C GLN B 369 35.13 29.02 10.05
N GLU B 370 35.13 29.75 8.94
CA GLU B 370 33.89 30.16 8.29
C GLU B 370 33.94 29.77 6.82
N TYR B 371 33.47 28.57 6.51
CA TYR B 371 33.51 28.08 5.14
C TYR B 371 32.40 28.66 4.30
N SER B 372 32.73 29.11 3.10
CA SER B 372 31.74 29.57 2.15
C SER B 372 31.01 28.36 1.56
N PHE B 373 30.03 28.61 0.70
CA PHE B 373 29.32 27.52 0.04
C PHE B 373 30.27 26.76 -0.88
N LYS B 374 31.10 27.51 -1.61
CA LYS B 374 32.05 26.92 -2.55
C LYS B 374 33.08 26.06 -1.81
N GLN B 375 33.45 26.49 -0.61
CA GLN B 375 34.41 25.76 0.21
C GLN B 375 33.78 24.55 0.90
N PHE B 376 32.47 24.60 1.10
CA PHE B 376 31.80 23.58 1.88
C PHE B 376 31.33 22.40 1.03
N LEU B 377 30.76 22.69 -0.13
CA LEU B 377 30.21 21.65 -0.99
C LEU B 377 31.27 20.68 -1.48
N TYR B 378 30.89 19.41 -1.56
CA TYR B 378 31.76 18.31 -2.01
C TYR B 378 32.96 18.08 -1.11
N ASN B 379 33.10 18.89 -0.05
CA ASN B 379 34.31 18.89 0.75
C ASN B 379 34.17 18.07 2.04
N ASN B 380 34.36 16.75 1.92
CA ASN B 380 34.25 15.86 3.08
C ASN B 380 35.51 15.85 3.94
N SER B 381 36.58 16.46 3.44
CA SER B 381 37.83 16.52 4.20
C SER B 381 37.67 17.44 5.40
N ILE B 382 36.68 18.32 5.34
CA ILE B 382 36.34 19.19 6.45
C ILE B 382 35.84 18.36 7.62
N LEU B 383 35.06 17.32 7.30
CA LEU B 383 34.50 16.44 8.31
C LEU B 383 35.60 15.68 9.04
N LEU B 384 36.60 15.24 8.30
CA LEU B 384 37.70 14.45 8.87
C LEU B 384 38.64 15.31 9.70
N GLU B 385 38.80 16.57 9.32
CA GLU B 385 39.73 17.46 9.99
C GLU B 385 39.24 17.86 11.38
N HIS B 386 37.99 18.30 11.44
CA HIS B 386 37.40 18.74 12.72
C HIS B 386 36.89 17.56 13.53
N GLY B 387 36.27 16.59 12.85
CA GLY B 387 35.68 15.46 13.52
C GLY B 387 34.21 15.69 13.82
N LEU B 388 33.49 14.63 14.17
CA LEU B 388 32.06 14.72 14.42
C LEU B 388 31.74 15.51 15.68
N THR B 389 32.58 15.40 16.69
CA THR B 389 32.35 16.10 17.95
C THR B 389 32.37 17.62 17.77
N GLN B 390 33.34 18.10 16.98
CA GLN B 390 33.41 19.52 16.67
C GLN B 390 32.24 19.95 15.81
N PHE B 391 31.86 19.10 14.86
CA PHE B 391 30.71 19.37 14.00
C PHE B 391 29.43 19.55 14.81
N VAL B 392 29.17 18.60 15.71
CA VAL B 392 27.99 18.65 16.56
C VAL B 392 28.01 19.89 17.46
N GLU B 393 29.16 20.15 18.09
CA GLU B 393 29.28 21.30 18.98
C GLU B 393 29.11 22.62 18.23
N SER B 394 29.69 22.70 17.03
CA SER B 394 29.61 23.92 16.23
C SER B 394 28.21 24.14 15.67
N PHE B 395 27.60 23.10 15.13
CA PHE B 395 26.29 23.22 14.52
C PHE B 395 25.17 23.40 15.55
N THR B 396 25.41 22.91 16.77
CA THR B 396 24.45 23.09 17.84
C THR B 396 24.31 24.56 18.21
N ARG B 397 25.39 25.32 18.02
CA ARG B 397 25.40 26.72 18.44
C ARG B 397 25.31 27.73 17.30
N GLN B 398 25.23 27.25 16.06
CA GLN B 398 25.07 28.16 14.92
C GLN B 398 23.61 28.27 14.49
N ILE B 399 23.09 29.49 14.46
CA ILE B 399 21.67 29.72 14.21
C ILE B 399 21.30 29.64 12.72
N ALA B 400 20.06 29.25 12.45
CA ALA B 400 19.55 29.12 11.10
C ALA B 400 18.73 30.34 10.70
N GLY B 401 18.49 30.49 9.40
CA GLY B 401 17.71 31.61 8.90
C GLY B 401 16.22 31.39 9.00
N ARG B 402 15.47 32.48 9.02
CA ARG B 402 14.02 32.41 9.03
C ARG B 402 13.50 31.95 7.68
N VAL B 403 12.54 31.03 7.67
CA VAL B 403 12.01 30.51 6.41
C VAL B 403 10.98 31.45 5.80
N ALA B 404 9.99 31.82 6.59
CA ALA B 404 8.98 32.76 6.13
C ALA B 404 9.42 34.19 6.43
N GLY B 405 8.67 35.17 5.94
CA GLY B 405 8.98 36.57 6.20
C GLY B 405 9.61 37.29 5.02
N GLY B 406 9.97 36.54 3.99
CA GLY B 406 10.49 37.11 2.76
C GLY B 406 11.96 37.47 2.80
N ARG B 407 12.58 37.48 1.63
CA ARG B 407 13.95 37.94 1.43
C ARG B 407 14.97 37.31 2.38
N ASN B 408 15.08 35.99 2.35
CA ASN B 408 16.08 35.32 3.16
C ASN B 408 16.67 34.09 2.46
N VAL B 409 16.46 33.98 1.15
CA VAL B 409 17.10 32.93 0.36
C VAL B 409 18.51 33.37 -0.01
N PRO B 410 19.53 32.63 0.44
CA PRO B 410 20.91 32.97 0.12
C PRO B 410 21.18 32.97 -1.38
N ILE B 411 21.96 33.94 -1.83
CA ILE B 411 22.28 34.12 -3.25
C ILE B 411 22.98 32.88 -3.83
N ALA B 412 23.71 32.17 -2.97
CA ALA B 412 24.47 31.00 -3.39
C ALA B 412 23.59 29.93 -4.02
N VAL B 413 22.33 29.84 -3.58
CA VAL B 413 21.43 28.81 -4.08
C VAL B 413 20.22 29.41 -4.81
N GLN B 414 20.42 30.55 -5.45
CA GLN B 414 19.33 31.24 -6.14
C GLN B 414 18.79 30.42 -7.32
N ALA B 415 19.65 29.65 -7.95
CA ALA B 415 19.24 28.83 -9.09
C ALA B 415 18.27 27.75 -8.64
N VAL B 416 18.48 27.23 -7.43
CA VAL B 416 17.61 26.20 -6.87
C VAL B 416 16.23 26.77 -6.56
N ALA B 417 16.21 27.97 -5.98
CA ALA B 417 14.97 28.64 -5.62
C ALA B 417 14.15 28.99 -6.85
N LYS B 418 14.84 29.39 -7.92
CA LYS B 418 14.18 29.73 -9.17
C LYS B 418 13.58 28.46 -9.79
N ALA B 419 14.27 27.34 -9.60
CA ALA B 419 13.80 26.06 -10.12
C ALA B 419 12.52 25.60 -9.43
N SER B 420 12.41 25.89 -8.14
CA SER B 420 11.23 25.52 -7.37
C SER B 420 10.00 26.25 -7.88
N ILE B 421 10.20 27.48 -8.37
CA ILE B 421 9.12 28.23 -8.99
C ILE B 421 8.82 27.67 -10.37
N ASP B 422 9.87 27.49 -11.18
CA ASP B 422 9.72 27.02 -12.55
C ASP B 422 9.13 25.62 -12.62
N GLN B 423 9.56 24.73 -11.73
CA GLN B 423 9.08 23.35 -11.72
C GLN B 423 7.66 23.25 -11.15
N SER B 424 7.28 24.21 -10.32
CA SER B 424 5.91 24.26 -9.82
C SER B 424 4.96 24.63 -10.96
N ARG B 425 5.43 25.52 -11.82
CA ARG B 425 4.67 25.92 -13.01
C ARG B 425 4.67 24.81 -14.04
N GLU B 426 5.80 24.13 -14.17
CA GLU B 426 5.93 23.02 -15.09
C GLU B 426 4.95 21.92 -14.73
N MET B 427 4.80 21.66 -13.42
CA MET B 427 3.87 20.65 -12.93
C MET B 427 2.45 21.17 -12.83
N LYS B 428 2.24 22.39 -13.32
CA LYS B 428 0.93 23.02 -13.38
C LYS B 428 0.22 23.12 -12.02
N TYR B 429 0.94 23.56 -11.00
CA TYR B 429 0.36 23.79 -9.68
C TYR B 429 -0.79 24.80 -9.73
N GLN B 430 -1.79 24.59 -8.87
CA GLN B 430 -2.85 25.58 -8.69
C GLN B 430 -2.37 26.68 -7.76
N SER B 431 -3.12 27.77 -7.70
CA SER B 431 -2.68 28.96 -6.96
C SER B 431 -2.63 28.73 -5.45
N LEU B 432 -1.99 29.65 -4.74
CA LEU B 432 -1.88 29.60 -3.28
C LEU B 432 -3.25 29.50 -2.61
N ASN B 433 -4.19 30.33 -3.04
CA ASN B 433 -5.51 30.37 -2.42
C ASN B 433 -6.31 29.09 -2.63
N GLU B 434 -5.99 28.36 -3.69
CA GLU B 434 -6.64 27.08 -3.93
C GLU B 434 -6.18 26.06 -2.91
N TYR B 435 -4.89 26.07 -2.62
CA TYR B 435 -4.32 25.14 -1.65
C TYR B 435 -4.74 25.48 -0.23
N ARG B 436 -5.01 26.76 0.02
CA ARG B 436 -5.49 27.18 1.33
C ARG B 436 -6.91 26.69 1.55
N LYS B 437 -7.75 26.79 0.52
CA LYS B 437 -9.11 26.29 0.59
C LYS B 437 -9.13 24.78 0.71
N ARG B 438 -8.15 24.15 0.08
CA ARG B 438 -8.01 22.69 0.11
C ARG B 438 -7.72 22.20 1.51
N PHE B 439 -7.07 23.04 2.32
CA PHE B 439 -6.67 22.65 3.66
C PHE B 439 -7.41 23.44 4.74
N SER B 440 -8.66 23.79 4.46
CA SER B 440 -9.56 24.42 5.42
C SER B 440 -9.06 25.76 5.94
N LEU B 441 -8.41 26.53 5.07
CA LEU B 441 -7.92 27.85 5.44
C LEU B 441 -8.65 28.93 4.64
N LYS B 442 -8.84 30.08 5.26
CA LYS B 442 -9.48 31.22 4.60
C LYS B 442 -8.52 31.86 3.60
N PRO B 443 -8.99 32.08 2.37
CA PRO B 443 -8.15 32.68 1.32
C PRO B 443 -7.69 34.10 1.67
N TYR B 444 -6.52 34.47 1.19
CA TYR B 444 -6.01 35.83 1.35
C TYR B 444 -6.72 36.77 0.38
N THR B 445 -7.17 37.92 0.88
CA THR B 445 -7.92 38.86 0.07
C THR B 445 -7.03 39.92 -0.56
N SER B 446 -5.79 40.01 -0.09
CA SER B 446 -4.83 40.96 -0.62
C SER B 446 -3.41 40.50 -0.39
N PHE B 447 -2.45 41.14 -1.05
CA PHE B 447 -1.05 40.79 -0.89
C PHE B 447 -0.53 41.29 0.45
N GLU B 448 -1.07 42.40 0.93
CA GLU B 448 -0.69 42.93 2.23
C GLU B 448 -1.14 42.02 3.35
N GLU B 449 -2.25 41.33 3.14
CA GLU B 449 -2.75 40.36 4.11
C GLU B 449 -1.83 39.14 4.14
N LEU B 450 -1.20 38.85 3.00
CA LEU B 450 -0.29 37.71 2.89
C LEU B 450 1.06 37.96 3.57
N THR B 451 1.69 39.08 3.24
CA THR B 451 3.02 39.38 3.76
C THR B 451 2.95 40.01 5.15
N GLY B 452 1.87 40.72 5.43
CA GLY B 452 1.71 41.40 6.71
C GLY B 452 2.41 42.74 6.72
N GLU B 453 2.87 43.17 5.55
CA GLU B 453 3.55 44.44 5.39
C GLU B 453 3.15 45.10 4.07
N LYS B 454 3.85 46.18 3.71
CA LYS B 454 3.46 46.95 2.53
C LYS B 454 4.46 46.89 1.39
N GLU B 455 5.75 46.88 1.70
CA GLU B 455 6.79 46.95 0.68
C GLU B 455 6.78 45.74 -0.26
N MET B 456 6.92 44.55 0.30
CA MET B 456 6.91 43.32 -0.50
C MET B 456 5.56 43.08 -1.15
N ALA B 457 4.50 43.46 -0.45
CA ALA B 457 3.14 43.29 -0.94
C ALA B 457 2.92 44.07 -2.23
N ALA B 458 3.48 45.28 -2.30
CA ALA B 458 3.38 46.11 -3.49
C ALA B 458 4.18 45.52 -4.63
N GLU B 459 5.31 44.90 -4.30
CA GLU B 459 6.16 44.25 -5.30
C GLU B 459 5.42 43.10 -5.99
N LEU B 460 4.71 42.31 -5.19
CA LEU B 460 3.96 41.17 -5.71
C LEU B 460 2.73 41.61 -6.51
N LYS B 461 2.05 42.63 -6.01
CA LYS B 461 0.85 43.15 -6.66
C LYS B 461 1.14 43.63 -8.08
N ALA B 462 2.35 44.14 -8.30
CA ALA B 462 2.74 44.61 -9.62
C ALA B 462 3.20 43.46 -10.50
N LEU B 463 3.42 42.30 -9.88
CA LEU B 463 3.88 41.12 -10.59
C LEU B 463 2.73 40.19 -10.96
N TYR B 464 1.82 39.96 -10.02
CA TYR B 464 0.75 39.00 -10.20
C TYR B 464 -0.61 39.64 -10.48
N SER B 465 -0.76 40.90 -10.07
CA SER B 465 -1.98 41.70 -10.30
C SER B 465 -3.21 41.21 -9.51
N ASP B 466 -3.27 39.92 -9.23
CA ASP B 466 -4.39 39.33 -8.51
C ASP B 466 -3.87 38.38 -7.43
N ILE B 467 -4.45 38.46 -6.24
CA ILE B 467 -4.05 37.59 -5.14
C ILE B 467 -4.46 36.14 -5.41
N ASP B 468 -5.47 35.97 -6.26
CA ASP B 468 -6.01 34.64 -6.56
C ASP B 468 -5.14 33.85 -7.54
N VAL B 469 -4.04 34.45 -8.00
CA VAL B 469 -3.13 33.74 -8.88
C VAL B 469 -1.71 33.72 -8.32
N MET B 470 -1.58 34.14 -7.06
CA MET B 470 -0.31 34.05 -6.36
C MET B 470 0.13 32.59 -6.25
N GLU B 471 1.38 32.33 -6.59
CA GLU B 471 1.90 30.96 -6.57
C GLU B 471 2.16 30.48 -5.16
N LEU B 472 2.09 29.16 -4.96
CA LEU B 472 2.17 28.57 -3.63
C LEU B 472 3.55 28.71 -2.98
N TYR B 473 4.60 28.32 -3.71
CA TYR B 473 5.93 28.27 -3.12
C TYR B 473 6.52 29.63 -2.73
N PRO B 474 6.47 30.62 -3.64
CA PRO B 474 7.02 31.91 -3.19
C PRO B 474 6.17 32.54 -2.08
N ALA B 475 4.93 32.10 -1.94
CA ALA B 475 4.05 32.61 -0.91
C ALA B 475 4.47 32.11 0.47
N LEU B 476 4.93 30.87 0.52
CA LEU B 476 5.35 30.25 1.78
C LEU B 476 6.58 30.95 2.36
N LEU B 477 7.39 31.53 1.47
CA LEU B 477 8.64 32.16 1.89
C LEU B 477 8.46 33.64 2.22
N VAL B 478 7.39 34.25 1.72
CA VAL B 478 7.13 35.67 1.99
C VAL B 478 5.94 35.85 2.92
N GLU B 479 5.35 34.74 3.34
CA GLU B 479 4.19 34.77 4.22
C GLU B 479 4.51 35.45 5.55
N LYS B 480 3.54 36.17 6.09
CA LYS B 480 3.70 36.74 7.43
C LYS B 480 3.86 35.61 8.42
N PRO B 481 5.00 35.58 9.13
CA PRO B 481 5.22 34.51 10.11
C PRO B 481 4.35 34.69 11.34
N ARG B 482 4.08 33.60 12.04
CA ARG B 482 3.47 33.66 13.36
C ARG B 482 4.41 34.44 14.28
N PRO B 483 3.87 35.04 15.37
CA PRO B 483 4.67 35.86 16.29
C PRO B 483 5.99 35.22 16.71
N ASP B 484 7.09 35.79 16.24
CA ASP B 484 8.43 35.30 16.53
C ASP B 484 8.62 33.82 16.15
N ALA B 485 7.92 33.40 15.10
CA ALA B 485 8.01 32.02 14.63
C ALA B 485 8.77 31.93 13.32
N ILE B 486 9.06 30.72 12.89
CA ILE B 486 9.82 30.49 11.67
C ILE B 486 8.90 30.34 10.45
N PHE B 487 7.65 29.95 10.68
CA PHE B 487 6.71 29.68 9.59
C PHE B 487 5.46 30.54 9.66
N GLY B 488 4.75 30.62 8.53
CA GLY B 488 3.45 31.24 8.47
C GLY B 488 2.36 30.19 8.55
N GLU B 489 1.11 30.62 8.43
CA GLU B 489 -0.04 29.74 8.62
C GLU B 489 -0.12 28.64 7.57
N THR B 490 0.07 29.00 6.31
CA THR B 490 -0.05 28.05 5.20
C THR B 490 0.96 26.91 5.34
N MET B 491 2.20 27.26 5.67
CA MET B 491 3.28 26.30 5.82
C MET B 491 2.93 25.22 6.86
N VAL B 492 2.50 25.66 8.04
CA VAL B 492 2.17 24.73 9.11
C VAL B 492 0.94 23.88 8.80
N GLU B 493 -0.13 24.54 8.36
CA GLU B 493 -1.41 23.86 8.16
C GLU B 493 -1.42 22.94 6.95
N LEU B 494 -0.37 23.02 6.13
CA LEU B 494 -0.20 22.11 5.01
C LEU B 494 0.80 21.02 5.34
N GLY B 495 1.90 21.42 5.97
CA GLY B 495 2.98 20.50 6.29
C GLY B 495 2.64 19.52 7.41
N ALA B 496 1.87 19.97 8.38
CA ALA B 496 1.50 19.13 9.52
C ALA B 496 0.71 17.87 9.12
N PRO B 497 -0.33 18.01 8.27
CA PRO B 497 -1.00 16.78 7.84
C PRO B 497 -0.08 15.85 7.05
N PHE B 498 0.64 16.40 6.08
CA PHE B 498 1.58 15.62 5.28
C PHE B 498 2.60 14.88 6.14
N SER B 499 3.17 15.58 7.12
CA SER B 499 4.19 15.00 7.99
C SER B 499 3.66 13.87 8.86
N LEU B 500 2.65 14.18 9.68
CA LEU B 500 2.10 13.21 10.63
C LEU B 500 1.53 11.97 9.93
N LYS B 501 0.98 12.15 8.74
CA LYS B 501 0.46 11.04 7.95
C LYS B 501 1.59 10.10 7.50
N GLY B 502 2.72 10.70 7.12
CA GLY B 502 3.86 9.92 6.67
C GLY B 502 4.54 9.18 7.81
N LEU B 503 4.49 9.78 9.00
CA LEU B 503 5.12 9.19 10.18
C LEU B 503 4.27 8.06 10.77
N MET B 504 2.99 8.33 10.97
CA MET B 504 2.11 7.34 11.58
C MET B 504 1.65 6.27 10.59
N GLY B 505 1.69 6.61 9.30
CA GLY B 505 1.28 5.68 8.26
C GLY B 505 2.28 4.56 8.03
N ASN B 506 3.42 4.64 8.71
CA ASN B 506 4.42 3.58 8.66
C ASN B 506 3.83 2.28 9.21
N PRO B 507 4.16 1.15 8.58
CA PRO B 507 3.61 -0.14 9.01
C PRO B 507 4.06 -0.58 10.41
N ILE B 508 5.16 -0.04 10.91
CA ILE B 508 5.62 -0.43 12.25
C ILE B 508 4.75 0.23 13.32
N CYS B 509 3.88 1.14 12.91
CA CYS B 509 2.93 1.77 13.83
C CYS B 509 1.62 1.01 13.87
N SER B 510 1.45 0.06 12.95
CA SER B 510 0.27 -0.80 12.95
C SER B 510 0.33 -1.74 14.14
N PRO B 511 -0.84 -2.15 14.66
CA PRO B 511 -0.88 -2.98 15.87
C PRO B 511 -0.22 -4.34 15.74
N GLN B 512 -0.15 -4.90 14.53
CA GLN B 512 0.49 -6.20 14.35
C GLN B 512 2.00 -6.09 14.33
N TYR B 513 2.50 -4.87 14.15
CA TYR B 513 3.93 -4.60 14.16
C TYR B 513 4.39 -4.02 15.49
N TRP B 514 3.52 -3.24 16.13
CA TRP B 514 3.91 -2.53 17.34
C TRP B 514 3.95 -3.46 18.54
N LYS B 515 4.89 -4.39 18.52
CA LYS B 515 5.08 -5.37 19.58
C LYS B 515 6.55 -5.49 19.90
N PRO B 516 6.89 -5.88 21.15
CA PRO B 516 8.29 -6.07 21.53
C PRO B 516 8.99 -7.13 20.68
N SER B 517 8.25 -8.14 20.24
CA SER B 517 8.85 -9.23 19.47
C SER B 517 9.30 -8.77 18.09
N THR B 518 8.68 -7.72 17.58
CA THR B 518 9.06 -7.14 16.30
C THR B 518 10.48 -6.59 16.36
N PHE B 519 10.85 -6.09 17.53
CA PHE B 519 12.12 -5.40 17.70
C PHE B 519 13.09 -6.22 18.55
N GLY B 520 12.89 -7.53 18.56
CA GLY B 520 13.80 -8.43 19.23
C GLY B 520 13.66 -8.51 20.74
N GLY B 521 12.51 -8.08 21.24
CA GLY B 521 12.26 -8.14 22.67
C GLY B 521 12.04 -6.78 23.28
N GLU B 522 11.89 -6.74 24.60
CA GLU B 522 11.61 -5.50 25.31
C GLU B 522 12.78 -4.54 25.26
N VAL B 523 13.99 -5.09 25.21
CA VAL B 523 15.20 -4.29 25.20
C VAL B 523 15.30 -3.44 23.94
N GLY B 524 15.10 -4.07 22.78
CA GLY B 524 15.12 -3.37 21.51
C GLY B 524 13.93 -2.45 21.37
N PHE B 525 12.83 -2.80 22.03
CA PHE B 525 11.63 -1.98 22.03
C PHE B 525 11.87 -0.68 22.78
N LYS B 526 12.59 -0.76 23.90
CA LYS B 526 12.85 0.41 24.72
C LYS B 526 13.82 1.38 24.05
N ILE B 527 14.65 0.85 23.15
CA ILE B 527 15.56 1.69 22.37
C ILE B 527 14.75 2.71 21.55
N ILE B 528 13.71 2.22 20.90
CA ILE B 528 12.82 3.08 20.12
C ILE B 528 12.12 4.12 20.98
N ASN B 529 11.58 3.68 22.12
CA ASN B 529 10.74 4.54 22.94
C ASN B 529 11.51 5.45 23.90
N THR B 530 12.84 5.33 23.91
CA THR B 530 13.67 6.23 24.71
C THR B 530 14.66 6.97 23.84
N ALA B 531 14.44 6.92 22.52
CA ALA B 531 15.33 7.55 21.57
C ALA B 531 15.13 9.06 21.55
N SER B 532 16.22 9.78 21.31
CA SER B 532 16.17 11.24 21.21
C SER B 532 17.35 11.73 20.40
N ILE B 533 17.32 12.99 19.98
CA ILE B 533 18.43 13.55 19.22
C ILE B 533 19.69 13.62 20.08
N GLN B 534 19.51 13.87 21.37
CA GLN B 534 20.64 13.94 22.30
C GLN B 534 21.27 12.57 22.50
N SER B 535 20.44 11.55 22.64
CA SER B 535 20.92 10.19 22.86
C SER B 535 21.56 9.63 21.60
N LEU B 536 21.03 10.03 20.44
CA LEU B 536 21.59 9.62 19.16
C LEU B 536 23.04 10.08 19.05
N ILE B 537 23.28 11.31 19.51
CA ILE B 537 24.61 11.89 19.46
C ILE B 537 25.47 11.36 20.62
N CYS B 538 24.88 11.26 21.80
CA CYS B 538 25.62 10.84 22.98
C CYS B 538 26.17 9.42 22.83
N ASN B 539 25.42 8.57 22.14
CA ASN B 539 25.82 7.18 21.95
C ASN B 539 26.85 6.98 20.85
N ASN B 540 26.87 7.87 19.87
CA ASN B 540 27.65 7.63 18.65
C ASN B 540 28.71 8.67 18.33
N VAL B 541 28.75 9.74 19.11
CA VAL B 541 29.76 10.77 18.90
C VAL B 541 30.67 10.86 20.11
N LYS B 542 31.97 10.73 19.86
CA LYS B 542 33.00 10.72 20.89
C LYS B 542 32.87 11.90 21.85
N GLY B 543 32.80 11.60 23.15
CA GLY B 543 32.75 12.63 24.17
C GLY B 543 31.36 13.01 24.62
N CYS B 544 30.35 12.54 23.88
CA CYS B 544 28.95 12.86 24.15
C CYS B 544 28.71 14.36 24.24
N PRO B 545 28.83 15.06 23.10
CA PRO B 545 28.56 16.50 23.14
C PRO B 545 27.08 16.78 23.33
N PHE B 546 26.75 17.87 24.01
CA PHE B 546 25.36 18.27 24.16
C PHE B 546 24.83 18.75 22.83
N THR B 547 23.58 18.40 22.53
CA THR B 547 22.98 18.83 21.28
C THR B 547 21.47 18.97 21.40
N SER B 548 20.92 19.79 20.51
CA SER B 548 19.48 19.97 20.39
C SER B 548 19.21 20.68 19.08
N PHE B 549 17.97 21.10 18.87
CA PHE B 549 17.62 21.79 17.64
C PHE B 549 17.48 23.29 17.85
N ASN B 550 17.76 23.75 19.06
CA ASN B 550 17.70 25.18 19.38
C ASN B 550 19.06 25.74 19.79
N VAL B 551 19.10 27.02 20.11
CA VAL B 551 20.33 27.73 20.47
C VAL B 551 21.35 27.68 19.34
#